data_9F0H
#
_entry.id   9F0H
#
_cell.length_a   1.00
_cell.length_b   1.00
_cell.length_c   1.00
_cell.angle_alpha   90.00
_cell.angle_beta   90.00
_cell.angle_gamma   90.00
#
_symmetry.space_group_name_H-M   'P 1'
#
loop_
_entity.id
_entity.type
_entity.pdbx_description
1 polymer 'Carboxysome shell vertex protein CsoS4A'
2 polymer 'Carboxysome shell protein CsoS1C'
3 polymer 'Carboxysome assembly protein CsoS2B'
4 non-polymer 'MAGNESIUM ION'
5 water water
#
loop_
_entity_poly.entity_id
_entity_poly.type
_entity_poly.pdbx_seq_one_letter_code
_entity_poly.pdbx_strand_id
1 'polypeptide(L)'
;MKIMQVEKTLVSTNRIADMGHKPLLVVWEKPGAPRQVAVDAIGCIPGDWVLCVGSSAAREAAGSKSYPSDLTIIGIIDQW
NGE
;
4
2 'polypeptide(L)'
;MAAVTGIALGMIETRGLVPAIEAADAMTKAAEVRLVGRQFVGGGYVTVLVRGETGAVNAAVRAGADACERVGDGLVAAHI
IARVHSEVENILPKAPEA
;
A,B,C,D,E,F,H,J
3 'polypeptide(L)'
;MPFCTSTPEPEAQSTEQSLTCEGQIISGTSVDASDLVTGNEIGEQQLISGDAYVGAQQTGCLPTSPRFNQTGNVQSMGFK
NTNQPEQNFAPGEVMPTDFSIQTPARSAQNRITGNDIAPSGRITGPGMLATGLITGTPEFRHAARELVGSPQPMAMAMAN
RNKAAQAPVVQPEVVATQEKPELVCAPRSDQMDRVSGEGKERCHITGDDWSVNKHITGTAGQWASGRNPSMRGNARVVET
SAFANRNVPKPEKPGSKITGSSGNDTQGSLITYSGGARG
;
X,Z
#
# COMPACT_ATOMS: atom_id res chain seq x y z
N MET A 1 -13.40 43.86 -20.78
CA MET A 1 -13.85 42.90 -19.78
C MET A 1 -14.57 43.62 -18.66
N LYS A 2 -15.56 42.97 -18.08
CA LYS A 2 -16.38 43.56 -17.04
C LYS A 2 -16.24 42.77 -15.74
N ILE A 3 -16.55 43.42 -14.64
CA ILE A 3 -16.52 42.81 -13.32
C ILE A 3 -17.96 42.55 -12.90
N MET A 4 -18.29 41.29 -12.68
CA MET A 4 -19.66 40.89 -12.38
C MET A 4 -19.68 39.94 -11.20
N GLN A 5 -20.80 39.91 -10.51
CA GLN A 5 -21.01 38.99 -9.39
C GLN A 5 -21.90 37.85 -9.85
N VAL A 6 -21.51 36.61 -9.51
CA VAL A 6 -22.33 35.46 -9.82
C VAL A 6 -23.54 35.46 -8.91
N GLU A 7 -24.73 35.34 -9.48
CA GLU A 7 -25.95 35.28 -8.69
C GLU A 7 -26.45 33.85 -8.49
N LYS A 8 -26.55 33.07 -9.56
CA LYS A 8 -27.11 31.73 -9.47
C LYS A 8 -26.80 30.99 -10.76
N THR A 9 -27.25 29.74 -10.83
CA THR A 9 -27.08 28.92 -12.02
C THR A 9 -28.27 29.08 -12.95
N LEU A 10 -28.05 28.74 -14.21
CA LEU A 10 -29.06 28.81 -15.25
C LEU A 10 -29.11 27.48 -15.97
N VAL A 11 -30.30 26.92 -16.11
CA VAL A 11 -30.48 25.61 -16.74
C VAL A 11 -31.44 25.75 -17.91
N SER A 12 -31.01 25.29 -19.08
CA SER A 12 -31.84 25.27 -20.28
C SER A 12 -31.69 23.88 -20.89
N THR A 13 -32.67 23.02 -20.65
CA THR A 13 -32.56 21.64 -21.09
C THR A 13 -32.55 21.52 -22.61
N ASN A 14 -33.36 22.32 -23.29
CA ASN A 14 -33.51 22.20 -24.73
C ASN A 14 -32.56 23.12 -25.50
N ARG A 15 -31.47 23.56 -24.90
CA ARG A 15 -30.54 24.44 -25.58
C ARG A 15 -29.90 23.74 -26.78
N ILE A 16 -29.32 24.54 -27.67
CA ILE A 16 -28.75 23.98 -28.88
C ILE A 16 -27.58 23.05 -28.55
N ALA A 17 -27.33 22.10 -29.44
CA ALA A 17 -26.32 21.10 -29.19
C ALA A 17 -24.90 21.67 -29.19
N ASP A 18 -24.70 22.78 -29.90
CA ASP A 18 -23.37 23.36 -30.00
C ASP A 18 -22.88 23.97 -28.69
N MET A 19 -23.76 24.15 -27.71
CA MET A 19 -23.34 24.61 -26.40
C MET A 19 -22.54 23.57 -25.64
N GLY A 20 -22.50 22.33 -26.11
CA GLY A 20 -21.74 21.31 -25.42
C GLY A 20 -22.31 21.01 -24.04
N HIS A 21 -21.42 20.72 -23.11
CA HIS A 21 -21.80 20.43 -21.73
C HIS A 21 -21.51 21.59 -20.78
N LYS A 22 -21.18 22.76 -21.29
CA LYS A 22 -20.73 23.84 -20.42
C LYS A 22 -21.85 24.32 -19.51
N PRO A 23 -21.55 24.65 -18.27
CA PRO A 23 -22.57 25.23 -17.38
C PRO A 23 -22.72 26.72 -17.63
N LEU A 24 -23.89 27.23 -17.22
CA LEU A 24 -24.23 28.63 -17.39
C LEU A 24 -24.55 29.25 -16.04
N LEU A 25 -24.20 30.51 -15.88
CA LEU A 25 -24.40 31.23 -14.63
C LEU A 25 -25.08 32.57 -14.90
N VAL A 26 -25.91 33.00 -13.96
CA VAL A 26 -26.52 34.31 -14.01
C VAL A 26 -25.62 35.29 -13.29
N VAL A 27 -25.23 36.37 -13.98
CA VAL A 27 -24.33 37.36 -13.43
C VAL A 27 -24.94 38.74 -13.58
N TRP A 28 -24.48 39.66 -12.74
CA TRP A 28 -24.85 41.06 -12.87
C TRP A 28 -23.73 41.93 -12.30
N GLU A 29 -23.72 43.19 -12.72
CA GLU A 29 -22.70 44.11 -12.24
C GLU A 29 -22.83 44.33 -10.74
N LYS A 30 -24.06 44.41 -10.26
CA LYS A 30 -24.34 44.53 -8.83
C LYS A 30 -25.76 44.04 -8.60
N PRO A 31 -26.12 43.70 -7.36
CA PRO A 31 -27.51 43.31 -7.10
C PRO A 31 -28.48 44.41 -7.52
N GLY A 32 -29.43 44.04 -8.37
CA GLY A 32 -30.39 44.96 -8.93
C GLY A 32 -30.07 45.40 -10.34
N ALA A 33 -28.85 45.17 -10.81
CA ALA A 33 -28.49 45.49 -12.17
C ALA A 33 -29.12 44.49 -13.13
N PRO A 34 -29.18 44.80 -14.42
CA PRO A 34 -29.70 43.83 -15.38
C PRO A 34 -28.91 42.53 -15.35
N ARG A 35 -29.63 41.42 -15.42
CA ARG A 35 -29.01 40.11 -15.38
C ARG A 35 -28.48 39.72 -16.74
N GLN A 36 -27.36 39.02 -16.76
CA GLN A 36 -26.83 38.42 -17.97
C GLN A 36 -26.46 36.99 -17.66
N VAL A 37 -26.18 36.23 -18.70
CA VAL A 37 -25.82 34.82 -18.58
C VAL A 37 -24.46 34.61 -19.21
N ALA A 38 -23.57 33.94 -18.50
CA ALA A 38 -22.23 33.68 -18.98
C ALA A 38 -21.95 32.19 -18.97
N VAL A 39 -21.10 31.76 -19.89
CA VAL A 39 -20.52 30.44 -19.83
C VAL A 39 -19.45 30.42 -18.74
N ASP A 40 -19.53 29.44 -17.85
CA ASP A 40 -18.57 29.33 -16.74
C ASP A 40 -17.43 28.43 -17.17
N ALA A 41 -16.34 29.05 -17.62
CA ALA A 41 -15.15 28.30 -18.00
C ALA A 41 -14.22 28.01 -16.83
N ILE A 42 -14.53 28.55 -15.65
CA ILE A 42 -13.67 28.44 -14.49
C ILE A 42 -14.25 27.49 -13.45
N GLY A 43 -15.51 27.69 -13.11
CA GLY A 43 -16.16 27.03 -11.99
C GLY A 43 -16.26 27.99 -10.82
N CYS A 44 -17.40 28.65 -10.68
CA CYS A 44 -17.56 29.74 -9.73
C CYS A 44 -18.79 29.47 -8.87
N ILE A 45 -18.75 29.99 -7.64
CA ILE A 45 -19.85 29.83 -6.70
C ILE A 45 -20.64 31.13 -6.65
N PRO A 46 -21.90 31.12 -6.20
CA PRO A 46 -22.63 32.37 -6.03
C PRO A 46 -21.92 33.30 -5.06
N GLY A 47 -21.95 34.59 -5.37
CA GLY A 47 -21.28 35.59 -4.57
C GLY A 47 -19.87 35.92 -5.02
N ASP A 48 -19.27 35.09 -5.86
CA ASP A 48 -17.95 35.39 -6.38
C ASP A 48 -18.00 36.60 -7.30
N TRP A 49 -16.95 37.41 -7.25
CA TRP A 49 -16.76 38.48 -8.22
C TRP A 49 -15.85 37.96 -9.31
N VAL A 50 -16.31 38.03 -10.56
CA VAL A 50 -15.63 37.37 -11.65
C VAL A 50 -15.36 38.38 -12.76
N LEU A 51 -14.52 37.95 -13.68
CA LEU A 51 -14.11 38.72 -14.84
C LEU A 51 -14.74 38.08 -16.08
N CYS A 52 -15.53 38.86 -16.81
CA CYS A 52 -16.28 38.35 -17.94
C CYS A 52 -15.79 39.02 -19.22
N VAL A 53 -15.62 38.23 -20.27
CA VAL A 53 -15.19 38.72 -21.57
C VAL A 53 -16.31 38.51 -22.56
N GLY A 54 -16.49 39.47 -23.46
CA GLY A 54 -17.55 39.40 -24.44
C GLY A 54 -17.04 39.28 -25.86
N SER A 55 -17.89 39.57 -26.84
CA SER A 55 -17.53 39.59 -28.25
C SER A 55 -16.95 38.25 -28.69
N SER A 56 -16.06 38.27 -29.68
CA SER A 56 -15.54 37.02 -30.23
C SER A 56 -14.52 36.35 -29.32
N ALA A 57 -13.96 37.07 -28.35
CA ALA A 57 -13.04 36.45 -27.41
C ALA A 57 -13.74 35.43 -26.54
N ALA A 58 -15.03 35.65 -26.25
CA ALA A 58 -15.77 34.75 -25.38
C ALA A 58 -15.89 33.37 -26.00
N ARG A 59 -15.91 33.28 -27.33
CA ARG A 59 -16.06 31.98 -27.98
C ARG A 59 -14.84 31.11 -27.72
N GLU A 60 -13.65 31.64 -27.97
CA GLU A 60 -12.44 30.86 -27.74
C GLU A 60 -12.21 30.64 -26.26
N ALA A 61 -12.60 31.61 -25.42
CA ALA A 61 -12.48 31.41 -23.98
C ALA A 61 -13.38 30.28 -23.50
N ALA A 62 -14.45 29.99 -24.22
CA ALA A 62 -15.38 28.94 -23.84
C ALA A 62 -15.06 27.59 -24.48
N GLY A 63 -14.07 27.52 -25.36
CA GLY A 63 -13.65 26.23 -25.86
C GLY A 63 -13.29 26.11 -27.32
N SER A 64 -13.90 26.89 -28.20
CA SER A 64 -13.55 26.81 -29.62
C SER A 64 -13.92 28.10 -30.31
N LYS A 65 -13.30 28.33 -31.47
CA LYS A 65 -13.58 29.53 -32.24
C LYS A 65 -15.03 29.60 -32.68
N SER A 66 -15.70 28.47 -32.81
CA SER A 66 -17.08 28.42 -33.24
C SER A 66 -18.06 28.15 -32.11
N TYR A 67 -17.61 28.26 -30.86
CA TYR A 67 -18.52 28.05 -29.75
C TYR A 67 -19.56 29.16 -29.67
N PRO A 68 -20.82 28.84 -29.42
CA PRO A 68 -21.89 29.85 -29.36
C PRO A 68 -22.00 30.55 -28.01
N SER A 69 -21.07 31.45 -27.75
CA SER A 69 -21.08 32.25 -26.55
C SER A 69 -20.66 33.67 -26.87
N ASP A 70 -21.28 34.63 -26.18
CA ASP A 70 -20.83 36.01 -26.26
C ASP A 70 -20.51 36.57 -24.88
N LEU A 71 -20.45 35.73 -23.86
CA LEU A 71 -20.09 36.17 -22.51
C LEU A 71 -19.55 34.95 -21.78
N THR A 72 -18.29 34.99 -21.41
CA THR A 72 -17.62 33.88 -20.74
C THR A 72 -16.86 34.40 -19.54
N ILE A 73 -16.99 33.69 -18.42
CA ILE A 73 -16.21 34.00 -17.22
C ILE A 73 -14.81 33.43 -17.41
N ILE A 74 -13.80 34.28 -17.30
CA ILE A 74 -12.43 33.86 -17.54
C ILE A 74 -11.56 33.94 -16.30
N GLY A 75 -12.11 34.35 -15.17
CA GLY A 75 -11.33 34.34 -13.95
C GLY A 75 -12.17 34.82 -12.79
N ILE A 76 -11.72 34.45 -11.60
CA ILE A 76 -12.28 34.91 -10.35
C ILE A 76 -11.33 35.94 -9.77
N ILE A 77 -11.87 37.08 -9.36
CA ILE A 77 -11.03 38.15 -8.83
C ILE A 77 -10.62 37.79 -7.41
N ASP A 78 -9.32 37.84 -7.14
CA ASP A 78 -8.80 37.36 -5.86
C ASP A 78 -9.41 38.11 -4.70
N GLN A 79 -9.50 39.44 -4.81
CA GLN A 79 -10.07 40.25 -3.73
C GLN A 79 -10.82 41.41 -4.35
N TRP A 80 -12.12 41.48 -4.08
CA TRP A 80 -12.95 42.54 -4.62
C TRP A 80 -14.11 42.80 -3.68
N ASN A 81 -14.66 44.01 -3.77
CA ASN A 81 -15.86 44.36 -3.03
C ASN A 81 -16.73 45.30 -3.85
N VAL B 4 -24.71 -31.55 12.12
CA VAL B 4 -23.57 -31.94 11.31
C VAL B 4 -22.29 -31.84 12.11
N THR B 5 -21.56 -32.95 12.20
CA THR B 5 -20.32 -33.04 12.93
C THR B 5 -19.15 -33.25 11.97
N GLY B 6 -17.97 -33.41 12.53
CA GLY B 6 -16.77 -33.52 11.73
C GLY B 6 -15.98 -32.24 11.74
N ILE B 7 -14.66 -32.36 11.64
CA ILE B 7 -13.76 -31.22 11.75
C ILE B 7 -12.98 -30.98 10.48
N ALA B 8 -13.26 -31.73 9.42
CA ALA B 8 -12.60 -31.44 8.14
C ALA B 8 -13.03 -30.07 7.65
N LEU B 9 -12.13 -29.41 6.92
CA LEU B 9 -12.35 -28.06 6.44
C LEU B 9 -12.27 -28.05 4.92
N GLY B 10 -13.26 -27.44 4.29
CA GLY B 10 -13.24 -27.23 2.86
C GLY B 10 -13.29 -25.75 2.55
N MET B 11 -12.46 -25.33 1.60
CA MET B 11 -12.31 -23.92 1.27
C MET B 11 -12.36 -23.73 -0.23
N ILE B 12 -13.11 -22.73 -0.67
CA ILE B 12 -13.16 -22.32 -2.05
C ILE B 12 -12.93 -20.81 -2.11
N GLU B 13 -12.02 -20.38 -2.97
CA GLU B 13 -11.68 -18.98 -3.14
C GLU B 13 -12.02 -18.58 -4.56
N THR B 14 -12.71 -17.46 -4.72
CA THR B 14 -13.15 -17.01 -6.03
C THR B 14 -12.79 -15.54 -6.22
N ARG B 15 -12.83 -15.11 -7.47
CA ARG B 15 -12.72 -13.70 -7.82
C ARG B 15 -14.13 -13.14 -7.97
N GLY B 16 -14.55 -12.36 -6.98
CA GLY B 16 -15.90 -11.84 -6.97
C GLY B 16 -16.80 -12.64 -6.05
N LEU B 17 -17.94 -12.04 -5.71
CA LEU B 17 -18.85 -12.65 -4.76
C LEU B 17 -19.81 -13.64 -5.42
N VAL B 18 -20.19 -13.39 -6.67
CA VAL B 18 -21.18 -14.25 -7.32
C VAL B 18 -20.69 -15.69 -7.46
N PRO B 19 -19.48 -15.95 -7.97
CA PRO B 19 -19.01 -17.34 -7.97
C PRO B 19 -18.89 -17.94 -6.59
N ALA B 20 -18.57 -17.13 -5.58
CA ALA B 20 -18.50 -17.65 -4.22
C ALA B 20 -19.86 -18.10 -3.72
N ILE B 21 -20.91 -17.33 -4.00
CA ILE B 21 -22.24 -17.72 -3.57
C ILE B 21 -22.70 -18.96 -4.32
N GLU B 22 -22.41 -19.04 -5.61
CA GLU B 22 -22.76 -20.24 -6.35
C GLU B 22 -22.04 -21.46 -5.80
N ALA B 23 -20.76 -21.30 -5.46
CA ALA B 23 -19.99 -22.40 -4.87
C ALA B 23 -20.57 -22.82 -3.53
N ALA B 24 -20.96 -21.85 -2.70
CA ALA B 24 -21.55 -22.18 -1.41
C ALA B 24 -22.84 -22.96 -1.58
N ASP B 25 -23.67 -22.52 -2.52
CA ASP B 25 -24.93 -23.23 -2.77
C ASP B 25 -24.68 -24.65 -3.21
N ALA B 26 -23.77 -24.84 -4.17
CA ALA B 26 -23.49 -26.18 -4.66
C ALA B 26 -22.92 -27.07 -3.57
N MET B 27 -21.98 -26.54 -2.79
CA MET B 27 -21.38 -27.32 -1.71
C MET B 27 -22.43 -27.79 -0.71
N THR B 28 -23.26 -26.87 -0.23
CA THR B 28 -24.22 -27.25 0.79
C THR B 28 -25.34 -28.11 0.24
N LYS B 29 -25.60 -28.06 -1.06
CA LYS B 29 -26.56 -28.99 -1.65
C LYS B 29 -25.97 -30.38 -1.84
N ALA B 30 -24.67 -30.46 -2.12
CA ALA B 30 -24.07 -31.74 -2.50
C ALA B 30 -23.85 -32.69 -1.34
N ALA B 31 -23.55 -32.19 -0.15
CA ALA B 31 -23.13 -33.06 0.94
C ALA B 31 -23.51 -32.45 2.27
N GLU B 32 -23.33 -33.23 3.33
CA GLU B 32 -23.65 -32.78 4.69
C GLU B 32 -22.47 -31.98 5.24
N VAL B 33 -22.45 -30.69 4.89
CA VAL B 33 -21.45 -29.77 5.41
C VAL B 33 -22.17 -28.55 5.96
N ARG B 34 -21.49 -27.87 6.88
CA ARG B 34 -21.96 -26.61 7.43
C ARG B 34 -21.18 -25.47 6.82
N LEU B 35 -21.89 -24.45 6.35
CA LEU B 35 -21.25 -23.23 5.92
C LEU B 35 -20.90 -22.42 7.15
N VAL B 36 -19.60 -22.19 7.38
CA VAL B 36 -19.15 -21.53 8.59
C VAL B 36 -18.62 -20.13 8.35
N GLY B 37 -18.49 -19.70 7.10
CA GLY B 37 -18.03 -18.35 6.87
C GLY B 37 -17.83 -17.96 5.43
N ARG B 38 -18.03 -16.68 5.17
CA ARG B 38 -17.67 -16.05 3.89
C ARG B 38 -16.81 -14.86 4.22
N GLN B 39 -15.61 -14.81 3.62
CA GLN B 39 -14.62 -13.80 3.98
C GLN B 39 -14.27 -12.98 2.74
N PHE B 40 -14.31 -11.65 2.90
CA PHE B 40 -13.84 -10.74 1.87
C PHE B 40 -12.35 -10.50 2.09
N VAL B 41 -11.51 -11.14 1.29
CA VAL B 41 -10.07 -11.10 1.51
C VAL B 41 -9.48 -9.75 1.14
N GLY B 42 -10.04 -9.08 0.17
CA GLY B 42 -9.42 -7.88 -0.36
C GLY B 42 -8.91 -8.12 -1.76
N GLY B 43 -8.92 -7.06 -2.56
CA GLY B 43 -8.49 -7.20 -3.94
C GLY B 43 -9.40 -8.04 -4.80
N GLY B 44 -10.64 -8.26 -4.36
CA GLY B 44 -11.60 -9.03 -5.13
C GLY B 44 -11.69 -10.49 -4.72
N TYR B 45 -10.80 -10.99 -3.89
CA TYR B 45 -10.88 -12.37 -3.46
C TYR B 45 -11.99 -12.57 -2.45
N VAL B 46 -12.73 -13.66 -2.59
CA VAL B 46 -13.75 -14.07 -1.64
C VAL B 46 -13.54 -15.55 -1.34
N THR B 47 -13.62 -15.91 -0.07
CA THR B 47 -13.40 -17.28 0.37
C THR B 47 -14.61 -17.75 1.16
N VAL B 48 -15.11 -18.94 0.83
CA VAL B 48 -16.20 -19.57 1.56
C VAL B 48 -15.65 -20.84 2.19
N LEU B 49 -16.05 -21.10 3.43
CA LEU B 49 -15.51 -22.20 4.21
C LEU B 49 -16.63 -23.11 4.69
N VAL B 50 -16.40 -24.42 4.62
CA VAL B 50 -17.36 -25.40 5.10
C VAL B 50 -16.65 -26.39 6.03
N ARG B 51 -17.40 -26.94 6.98
CA ARG B 51 -16.91 -27.97 7.87
C ARG B 51 -17.80 -29.20 7.79
N GLY B 52 -17.22 -30.36 8.09
CA GLY B 52 -17.96 -31.59 8.10
C GLY B 52 -17.02 -32.77 8.19
N GLU B 53 -17.56 -33.95 7.90
CA GLU B 53 -16.71 -35.13 7.84
C GLU B 53 -15.86 -35.13 6.58
N THR B 54 -14.81 -35.93 6.60
CA THR B 54 -13.83 -35.92 5.51
C THR B 54 -14.47 -36.24 4.17
N GLY B 55 -15.28 -37.30 4.11
CA GLY B 55 -15.92 -37.66 2.86
C GLY B 55 -16.92 -36.62 2.41
N ALA B 56 -17.69 -36.08 3.36
CA ALA B 56 -18.63 -35.03 3.03
C ALA B 56 -17.92 -33.80 2.47
N VAL B 57 -16.81 -33.41 3.10
CA VAL B 57 -16.10 -32.22 2.65
C VAL B 57 -15.47 -32.47 1.28
N ASN B 58 -14.95 -33.67 1.04
CA ASN B 58 -14.44 -33.98 -0.28
C ASN B 58 -15.52 -33.80 -1.34
N ALA B 59 -16.68 -34.42 -1.13
CA ALA B 59 -17.76 -34.32 -2.10
C ALA B 59 -18.20 -32.86 -2.28
N ALA B 60 -18.34 -32.14 -1.16
CA ALA B 60 -18.83 -30.77 -1.22
C ALA B 60 -17.87 -29.87 -1.98
N VAL B 61 -16.58 -29.98 -1.71
CA VAL B 61 -15.63 -29.11 -2.37
C VAL B 61 -15.58 -29.42 -3.86
N ARG B 62 -15.65 -30.70 -4.22
CA ARG B 62 -15.65 -31.04 -5.64
C ARG B 62 -16.87 -30.44 -6.34
N ALA B 63 -18.05 -30.57 -5.74
CA ALA B 63 -19.24 -30.00 -6.35
C ALA B 63 -19.16 -28.48 -6.45
N GLY B 64 -18.66 -27.82 -5.41
CA GLY B 64 -18.56 -26.38 -5.43
C GLY B 64 -17.60 -25.88 -6.48
N ALA B 65 -16.45 -26.54 -6.61
CA ALA B 65 -15.48 -26.16 -7.63
C ALA B 65 -16.05 -26.37 -9.01
N ASP B 66 -16.79 -27.46 -9.21
CA ASP B 66 -17.42 -27.70 -10.51
C ASP B 66 -18.43 -26.62 -10.84
N ALA B 67 -19.19 -26.16 -9.85
CA ALA B 67 -20.31 -25.27 -10.13
C ALA B 67 -19.86 -23.85 -10.47
N CYS B 68 -18.84 -23.34 -9.78
CA CYS B 68 -18.46 -21.94 -9.90
C CYS B 68 -17.32 -21.70 -10.88
N GLU B 69 -16.90 -22.72 -11.62
CA GLU B 69 -15.72 -22.59 -12.48
C GLU B 69 -15.91 -21.51 -13.55
N ARG B 70 -17.07 -21.48 -14.18
CA ARG B 70 -17.33 -20.58 -15.29
C ARG B 70 -18.30 -19.47 -14.93
N VAL B 71 -18.37 -19.13 -13.66
CA VAL B 71 -19.30 -18.12 -13.17
C VAL B 71 -18.50 -16.86 -12.88
N GLY B 72 -18.86 -15.76 -13.53
CA GLY B 72 -18.16 -14.51 -13.29
C GLY B 72 -16.70 -14.61 -13.64
N ASP B 73 -15.86 -14.10 -12.75
CA ASP B 73 -14.42 -14.11 -12.96
C ASP B 73 -13.77 -15.40 -12.49
N GLY B 74 -14.54 -16.33 -11.96
CA GLY B 74 -14.09 -17.70 -11.84
C GLY B 74 -13.52 -18.08 -10.49
N LEU B 75 -12.87 -19.24 -10.49
CA LEU B 75 -12.40 -19.90 -9.30
C LEU B 75 -10.89 -19.70 -9.14
N VAL B 76 -10.47 -19.47 -7.90
CA VAL B 76 -9.06 -19.32 -7.58
C VAL B 76 -8.49 -20.58 -6.94
N ALA B 77 -9.16 -21.09 -5.91
CA ALA B 77 -8.66 -22.24 -5.18
C ALA B 77 -9.81 -23.09 -4.69
N ALA B 78 -9.55 -24.39 -4.56
CA ALA B 78 -10.48 -25.33 -3.95
C ALA B 78 -9.64 -26.32 -3.15
N HIS B 79 -9.72 -26.25 -1.83
CA HIS B 79 -8.75 -26.92 -0.98
C HIS B 79 -9.46 -27.64 0.15
N ILE B 80 -8.86 -28.73 0.61
CA ILE B 80 -9.38 -29.53 1.71
C ILE B 80 -8.28 -29.72 2.74
N ILE B 81 -8.61 -29.58 4.00
CA ILE B 81 -7.73 -29.96 5.09
C ILE B 81 -8.52 -30.88 6.01
N ALA B 82 -8.07 -32.14 6.13
CA ALA B 82 -8.84 -33.13 6.85
C ALA B 82 -8.89 -32.84 8.34
N ARG B 83 -7.82 -32.28 8.90
CA ARG B 83 -7.77 -31.97 10.33
C ARG B 83 -6.82 -30.80 10.51
N VAL B 84 -7.36 -29.61 10.77
CA VAL B 84 -6.52 -28.46 11.00
C VAL B 84 -5.96 -28.50 12.41
N HIS B 85 -4.76 -27.96 12.56
CA HIS B 85 -4.15 -27.82 13.86
C HIS B 85 -4.99 -26.89 14.73
N SER B 86 -4.97 -27.15 16.04
CA SER B 86 -5.78 -26.36 16.96
C SER B 86 -5.43 -24.89 16.92
N GLU B 87 -4.19 -24.54 16.55
CA GLU B 87 -3.83 -23.13 16.43
C GLU B 87 -4.60 -22.46 15.31
N VAL B 88 -4.79 -23.16 14.20
CA VAL B 88 -5.49 -22.58 13.05
C VAL B 88 -6.95 -22.31 13.34
N GLU B 89 -7.56 -23.00 14.30
CA GLU B 89 -8.94 -22.72 14.65
C GLU B 89 -9.16 -21.25 15.02
N ASN B 90 -8.14 -20.60 15.58
CA ASN B 90 -8.30 -19.22 16.02
C ASN B 90 -8.45 -18.25 14.85
N ILE B 91 -8.02 -18.63 13.65
CA ILE B 91 -8.19 -17.78 12.49
C ILE B 91 -9.28 -18.29 11.57
N LEU B 92 -10.09 -19.24 12.03
CA LEU B 92 -11.21 -19.74 11.24
C LEU B 92 -12.52 -19.24 11.82
N PRO B 93 -13.40 -18.69 11.00
CA PRO B 93 -14.71 -18.28 11.50
C PRO B 93 -15.54 -19.48 11.93
N LYS B 94 -16.42 -19.25 12.90
CA LYS B 94 -17.30 -20.31 13.40
C LYS B 94 -18.72 -20.21 12.87
N ALA B 95 -19.21 -19.01 12.61
CA ALA B 95 -20.53 -18.81 12.02
C ALA B 95 -20.42 -17.71 10.98
N PRO B 96 -21.27 -17.75 9.95
CA PRO B 96 -21.23 -16.74 8.89
C PRO B 96 -21.60 -15.34 9.38
N VAL C 4 3.79 -23.07 22.40
CA VAL C 4 4.77 -22.28 23.14
C VAL C 4 5.45 -21.30 22.19
N THR C 5 5.43 -20.03 22.56
CA THR C 5 6.02 -18.98 21.74
C THR C 5 7.53 -18.90 22.00
N GLY C 6 8.18 -17.99 21.31
CA GLY C 6 9.61 -17.85 21.44
C GLY C 6 10.09 -16.54 20.86
N ILE C 7 11.39 -16.47 20.60
CA ILE C 7 11.98 -15.23 20.16
C ILE C 7 11.98 -15.08 18.63
N ALA C 8 12.13 -16.17 17.90
CA ALA C 8 12.22 -16.08 16.46
C ALA C 8 10.86 -15.76 15.84
N LEU C 9 10.88 -15.25 14.63
CA LEU C 9 9.68 -14.84 13.91
C LEU C 9 9.69 -15.49 12.54
N GLY C 10 8.57 -16.08 12.17
CA GLY C 10 8.40 -16.67 10.85
C GLY C 10 7.21 -16.05 10.16
N MET C 11 7.38 -15.69 8.89
CA MET C 11 6.34 -14.99 8.16
C MET C 11 6.15 -15.62 6.78
N ILE C 12 4.91 -15.82 6.40
CA ILE C 12 4.56 -16.30 5.07
C ILE C 12 3.50 -15.38 4.51
N GLU C 13 3.72 -14.88 3.30
CA GLU C 13 2.79 -14.01 2.60
C GLU C 13 2.27 -14.73 1.37
N THR C 14 0.97 -14.68 1.15
CA THR C 14 0.33 -15.38 0.06
C THR C 14 -0.63 -14.45 -0.67
N ARG C 15 -1.02 -14.86 -1.87
CA ARG C 15 -2.10 -14.22 -2.61
C ARG C 15 -3.39 -14.96 -2.29
N GLY C 16 -4.25 -14.35 -1.50
CA GLY C 16 -5.49 -14.97 -1.11
C GLY C 16 -5.40 -15.67 0.23
N LEU C 17 -6.56 -16.06 0.74
CA LEU C 17 -6.66 -16.62 2.08
C LEU C 17 -6.42 -18.12 2.12
N VAL C 18 -6.84 -18.86 1.10
CA VAL C 18 -6.70 -20.32 1.14
C VAL C 18 -5.24 -20.76 1.26
N PRO C 19 -4.32 -20.27 0.43
CA PRO C 19 -2.91 -20.63 0.66
C PRO C 19 -2.39 -20.19 2.02
N ALA C 20 -2.87 -19.06 2.55
CA ALA C 20 -2.44 -18.63 3.87
C ALA C 20 -2.86 -19.63 4.93
N ILE C 21 -4.10 -20.13 4.86
CA ILE C 21 -4.57 -21.08 5.85
C ILE C 21 -3.82 -22.40 5.72
N GLU C 22 -3.57 -22.84 4.48
CA GLU C 22 -2.79 -24.05 4.29
C GLU C 22 -1.40 -23.90 4.87
N ALA C 23 -0.75 -22.75 4.62
CA ALA C 23 0.57 -22.50 5.16
C ALA C 23 0.56 -22.49 6.68
N ALA C 24 -0.43 -21.85 7.28
CA ALA C 24 -0.49 -21.81 8.74
C ALA C 24 -0.66 -23.20 9.32
N ASP C 25 -1.51 -24.01 8.71
CA ASP C 25 -1.70 -25.37 9.17
C ASP C 25 -0.40 -26.17 9.09
N ALA C 26 0.28 -26.07 7.95
CA ALA C 26 1.54 -26.80 7.79
C ALA C 26 2.58 -26.32 8.79
N MET C 27 2.66 -25.01 9.00
CA MET C 27 3.65 -24.47 9.93
C MET C 27 3.41 -24.98 11.34
N THR C 28 2.18 -24.85 11.83
CA THR C 28 1.91 -25.26 13.20
C THR C 28 1.97 -26.77 13.38
N LYS C 29 1.75 -27.55 12.31
CA LYS C 29 1.95 -28.99 12.44
C LYS C 29 3.42 -29.38 12.42
N ALA C 30 4.25 -28.65 11.68
CA ALA C 30 5.61 -29.10 11.44
C ALA C 30 6.49 -28.97 12.67
N ALA C 31 6.36 -27.89 13.43
CA ALA C 31 7.27 -27.64 14.52
C ALA C 31 6.52 -26.93 15.64
N GLU C 32 7.21 -26.70 16.73
CA GLU C 32 6.59 -26.14 17.93
C GLU C 32 6.66 -24.62 17.79
N VAL C 33 5.64 -24.05 17.14
CA VAL C 33 5.54 -22.62 16.94
C VAL C 33 4.13 -22.19 17.30
N ARG C 34 3.98 -20.91 17.60
CA ARG C 34 2.70 -20.34 17.96
C ARG C 34 2.25 -19.37 16.87
N LEU C 35 1.04 -19.56 16.38
CA LEU C 35 0.47 -18.67 15.38
C LEU C 35 0.00 -17.40 16.06
N VAL C 36 0.62 -16.28 15.75
CA VAL C 36 0.32 -15.03 16.45
C VAL C 36 -0.43 -14.03 15.59
N GLY C 37 -0.63 -14.30 14.31
CA GLY C 37 -1.34 -13.35 13.50
C GLY C 37 -1.67 -13.77 12.08
N ARG C 38 -2.85 -13.38 11.62
CA ARG C 38 -3.23 -13.49 10.22
C ARG C 38 -3.67 -12.11 9.79
N GLN C 39 -2.88 -11.47 8.94
CA GLN C 39 -3.08 -10.08 8.57
C GLN C 39 -3.62 -9.98 7.16
N PHE C 40 -4.73 -9.28 6.99
CA PHE C 40 -5.23 -8.94 5.66
C PHE C 40 -4.54 -7.64 5.27
N VAL C 41 -3.51 -7.76 4.44
CA VAL C 41 -2.67 -6.61 4.11
C VAL C 41 -3.42 -5.64 3.21
N GLY C 42 -4.19 -6.15 2.27
CA GLY C 42 -4.85 -5.33 1.28
C GLY C 42 -4.47 -5.77 -0.12
N GLY C 43 -5.35 -5.58 -1.09
CA GLY C 43 -5.05 -5.97 -2.44
C GLY C 43 -4.88 -7.45 -2.64
N GLY C 44 -5.35 -8.28 -1.71
CA GLY C 44 -5.27 -9.71 -1.83
C GLY C 44 -4.13 -10.37 -1.07
N TYR C 45 -3.20 -9.59 -0.55
CA TYR C 45 -2.11 -10.16 0.24
C TYR C 45 -2.62 -10.59 1.61
N VAL C 46 -2.24 -11.79 2.02
CA VAL C 46 -2.48 -12.27 3.37
C VAL C 46 -1.16 -12.75 3.94
N THR C 47 -0.88 -12.39 5.19
CA THR C 47 0.36 -12.76 5.86
C THR C 47 0.03 -13.50 7.15
N VAL C 48 0.71 -14.62 7.39
CA VAL C 48 0.58 -15.39 8.62
C VAL C 48 1.91 -15.37 9.33
N LEU C 49 1.88 -15.07 10.63
CA LEU C 49 3.09 -14.89 11.42
C LEU C 49 3.12 -15.90 12.56
N VAL C 50 4.30 -16.47 12.82
CA VAL C 50 4.49 -17.43 13.90
C VAL C 50 5.69 -17.01 14.72
N ARG C 51 5.70 -17.43 15.99
CA ARG C 51 6.81 -17.22 16.89
C ARG C 51 7.21 -18.55 17.50
N GLY C 52 8.48 -18.65 17.88
CA GLY C 52 8.97 -19.86 18.53
C GLY C 52 10.48 -19.81 18.63
N GLU C 53 11.04 -20.92 19.10
CA GLU C 53 12.49 -21.02 19.14
C GLU C 53 13.03 -21.15 17.71
N THR C 54 14.31 -20.83 17.55
CA THR C 54 14.86 -20.57 16.22
C THR C 54 14.77 -21.78 15.30
N GLY C 55 15.18 -22.95 15.79
CA GLY C 55 15.12 -24.15 14.95
C GLY C 55 13.69 -24.51 14.60
N ALA C 56 12.78 -24.39 15.56
CA ALA C 56 11.38 -24.66 15.29
C ALA C 56 10.82 -23.73 14.24
N VAL C 57 11.12 -22.44 14.34
CA VAL C 57 10.63 -21.49 13.35
C VAL C 57 11.20 -21.79 11.98
N ASN C 58 12.49 -22.16 11.93
CA ASN C 58 13.09 -22.52 10.66
C ASN C 58 12.36 -23.68 9.99
N ALA C 59 12.14 -24.75 10.76
CA ALA C 59 11.45 -25.91 10.22
C ALA C 59 10.02 -25.57 9.81
N ALA C 60 9.33 -24.79 10.64
CA ALA C 60 7.95 -24.43 10.35
C ALA C 60 7.84 -23.63 9.07
N VAL C 61 8.72 -22.64 8.89
CA VAL C 61 8.64 -21.80 7.70
C VAL C 61 8.94 -22.63 6.46
N ARG C 62 9.90 -23.54 6.54
CA ARG C 62 10.16 -24.38 5.37
C ARG C 62 8.94 -25.22 5.02
N ALA C 63 8.30 -25.83 6.02
CA ALA C 63 7.12 -26.65 5.74
C ALA C 63 5.98 -25.81 5.16
N GLY C 64 5.75 -24.63 5.74
CA GLY C 64 4.67 -23.79 5.25
C GLY C 64 4.91 -23.33 3.83
N ALA C 65 6.15 -22.96 3.51
CA ALA C 65 6.46 -22.55 2.15
C ALA C 65 6.24 -23.69 1.16
N ASP C 66 6.63 -24.91 1.54
CA ASP C 66 6.39 -26.04 0.65
C ASP C 66 4.91 -26.32 0.47
N ALA C 67 4.12 -26.15 1.53
CA ALA C 67 2.74 -26.62 1.49
C ALA C 67 1.86 -25.75 0.60
N CYS C 68 2.02 -24.43 0.65
CA CYS C 68 1.08 -23.53 0.01
C CYS C 68 1.50 -23.09 -1.39
N GLU C 69 2.64 -23.54 -1.89
CA GLU C 69 3.16 -22.98 -3.12
C GLU C 69 2.31 -23.33 -4.33
N ARG C 70 1.53 -24.41 -4.29
CA ARG C 70 0.67 -24.80 -5.39
C ARG C 70 -0.80 -24.62 -5.07
N VAL C 71 -1.13 -23.89 -4.01
CA VAL C 71 -2.50 -23.74 -3.56
C VAL C 71 -2.99 -22.36 -3.96
N GLY C 72 -4.04 -22.31 -4.77
CA GLY C 72 -4.60 -21.05 -5.18
C GLY C 72 -3.60 -20.23 -5.97
N ASP C 73 -3.51 -18.95 -5.64
CA ASP C 73 -2.59 -18.06 -6.33
C ASP C 73 -1.18 -18.11 -5.75
N GLY C 74 -0.96 -18.86 -4.69
CA GLY C 74 0.38 -19.25 -4.32
C GLY C 74 1.04 -18.34 -3.31
N LEU C 75 2.36 -18.52 -3.23
CA LEU C 75 3.19 -17.92 -2.20
C LEU C 75 3.86 -16.66 -2.72
N VAL C 76 3.91 -15.64 -1.88
CA VAL C 76 4.62 -14.41 -2.19
C VAL C 76 5.99 -14.38 -1.53
N ALA C 77 6.06 -14.67 -0.24
CA ALA C 77 7.32 -14.58 0.47
C ALA C 77 7.29 -15.51 1.68
N ALA C 78 8.43 -16.13 1.96
CA ALA C 78 8.65 -16.86 3.19
C ALA C 78 9.92 -16.32 3.83
N HIS C 79 9.82 -15.89 5.08
CA HIS C 79 10.89 -15.13 5.72
C HIS C 79 11.06 -15.55 7.16
N ILE C 80 12.30 -15.55 7.63
CA ILE C 80 12.65 -15.85 9.01
C ILE C 80 13.52 -14.73 9.56
N ILE C 81 13.17 -14.24 10.74
CA ILE C 81 14.02 -13.35 11.50
C ILE C 81 14.27 -13.99 12.85
N ALA C 82 15.52 -14.38 13.10
CA ALA C 82 15.84 -15.13 14.31
C ALA C 82 15.64 -14.31 15.57
N ARG C 83 15.91 -13.02 15.52
CA ARG C 83 15.62 -12.14 16.66
C ARG C 83 15.33 -10.75 16.13
N VAL C 84 14.08 -10.32 16.25
CA VAL C 84 13.73 -8.98 15.80
C VAL C 84 14.25 -7.95 16.80
N HIS C 85 14.57 -6.77 16.29
CA HIS C 85 14.86 -5.63 17.14
C HIS C 85 13.68 -5.37 18.05
N SER C 86 13.96 -4.87 19.26
CA SER C 86 12.90 -4.68 20.24
C SER C 86 11.86 -3.68 19.77
N GLU C 87 12.24 -2.73 18.91
CA GLU C 87 11.25 -1.78 18.39
C GLU C 87 10.26 -2.47 17.46
N VAL C 88 10.72 -3.44 16.68
CA VAL C 88 9.84 -4.12 15.75
C VAL C 88 8.74 -4.89 16.46
N GLU C 89 8.92 -5.19 17.75
CA GLU C 89 7.90 -5.94 18.46
C GLU C 89 6.59 -5.17 18.54
N ASN C 90 6.65 -3.84 18.46
CA ASN C 90 5.43 -3.05 18.61
C ASN C 90 4.52 -3.14 17.39
N ILE C 91 5.05 -3.51 16.23
CA ILE C 91 4.24 -3.67 15.04
C ILE C 91 3.96 -5.15 14.75
N LEU C 92 4.18 -6.03 15.72
CA LEU C 92 3.91 -7.44 15.55
C LEU C 92 2.73 -7.84 16.43
N PRO C 93 1.76 -8.56 15.89
CA PRO C 93 0.65 -9.01 16.72
C PRO C 93 1.10 -10.05 17.74
N LYS C 94 0.40 -10.08 18.86
CA LYS C 94 0.66 -11.07 19.90
C LYS C 94 -0.26 -12.28 19.79
N ALA C 95 -1.52 -12.08 19.40
CA ALA C 95 -2.47 -13.15 19.20
C ALA C 95 -3.29 -12.83 17.96
N PRO C 96 -3.74 -13.84 17.24
CA PRO C 96 -4.56 -13.59 16.05
C PRO C 96 -5.94 -13.08 16.44
N GLU C 97 -6.56 -12.38 15.50
CA GLU C 97 -7.91 -11.86 15.70
C GLU C 97 -8.92 -12.59 14.82
N GLY D 6 -41.14 -15.05 -3.41
CA GLY D 6 -40.34 -16.08 -4.04
C GLY D 6 -38.98 -16.24 -3.42
N ILE D 7 -38.35 -17.39 -3.64
CA ILE D 7 -37.06 -17.71 -3.05
C ILE D 7 -35.95 -17.78 -4.07
N ALA D 8 -36.24 -17.61 -5.35
CA ALA D 8 -35.17 -17.56 -6.33
C ALA D 8 -34.31 -16.33 -6.10
N LEU D 9 -33.04 -16.44 -6.48
CA LEU D 9 -32.09 -15.37 -6.24
C LEU D 9 -31.43 -14.97 -7.54
N GLY D 10 -31.39 -13.67 -7.80
CA GLY D 10 -30.68 -13.13 -8.95
C GLY D 10 -29.52 -12.27 -8.50
N MET D 11 -28.42 -12.35 -9.21
CA MET D 11 -27.21 -11.66 -8.83
C MET D 11 -26.55 -11.04 -10.04
N ILE D 12 -26.06 -9.81 -9.87
CA ILE D 12 -25.30 -9.13 -10.90
C ILE D 12 -24.05 -8.56 -10.25
N GLU D 13 -22.89 -8.81 -10.86
CA GLU D 13 -21.62 -8.29 -10.38
C GLU D 13 -21.07 -7.33 -11.41
N THR D 14 -20.62 -6.17 -10.95
CA THR D 14 -20.16 -5.10 -11.83
C THR D 14 -18.80 -4.62 -11.36
N ARG D 15 -18.09 -3.94 -12.27
CA ARG D 15 -16.89 -3.20 -11.93
C ARG D 15 -17.29 -1.77 -11.61
N GLY D 16 -17.25 -1.41 -10.34
CA GLY D 16 -17.67 -0.09 -9.90
C GLY D 16 -19.11 -0.07 -9.44
N LEU D 17 -19.47 1.02 -8.78
CA LEU D 17 -20.78 1.14 -8.14
C LEU D 17 -21.86 1.64 -9.08
N VAL D 18 -21.53 2.52 -10.01
CA VAL D 18 -22.54 3.11 -10.88
C VAL D 18 -23.25 2.06 -11.73
N PRO D 19 -22.55 1.15 -12.43
CA PRO D 19 -23.28 0.10 -13.13
C PRO D 19 -24.08 -0.78 -12.20
N ALA D 20 -23.64 -0.98 -10.97
CA ALA D 20 -24.42 -1.77 -10.02
C ALA D 20 -25.74 -1.09 -9.68
N ILE D 21 -25.71 0.22 -9.45
CA ILE D 21 -26.94 0.94 -9.15
C ILE D 21 -27.86 0.92 -10.36
N GLU D 22 -27.30 1.08 -11.56
CA GLU D 22 -28.13 1.02 -12.76
C GLU D 22 -28.75 -0.36 -12.93
N ALA D 23 -27.98 -1.42 -12.67
CA ALA D 23 -28.52 -2.76 -12.75
C ALA D 23 -29.62 -2.97 -11.73
N ALA D 24 -29.44 -2.48 -10.51
CA ALA D 24 -30.49 -2.63 -9.50
C ALA D 24 -31.77 -1.91 -9.92
N ASP D 25 -31.63 -0.70 -10.46
CA ASP D 25 -32.79 0.05 -10.90
C ASP D 25 -33.51 -0.66 -12.03
N ALA D 26 -32.76 -1.11 -13.04
CA ALA D 26 -33.37 -1.82 -14.15
C ALA D 26 -34.03 -3.11 -13.68
N MET D 27 -33.37 -3.82 -12.79
CA MET D 27 -33.91 -5.08 -12.29
C MET D 27 -35.24 -4.87 -11.60
N THR D 28 -35.28 -3.91 -10.67
CA THR D 28 -36.51 -3.69 -9.93
C THR D 28 -37.60 -3.06 -10.78
N LYS D 29 -37.25 -2.35 -11.84
CA LYS D 29 -38.29 -1.84 -12.73
C LYS D 29 -38.84 -2.93 -13.65
N ALA D 30 -38.02 -3.88 -14.06
CA ALA D 30 -38.42 -4.84 -15.08
C ALA D 30 -39.35 -5.92 -14.56
N ALA D 31 -39.24 -6.30 -13.30
CA ALA D 31 -40.02 -7.42 -12.79
C ALA D 31 -40.26 -7.23 -11.30
N GLU D 32 -41.17 -8.05 -10.77
CA GLU D 32 -41.55 -7.98 -9.36
C GLU D 32 -40.51 -8.76 -8.53
N VAL D 33 -39.39 -8.10 -8.29
CA VAL D 33 -38.32 -8.66 -7.47
C VAL D 33 -38.00 -7.68 -6.36
N ARG D 34 -37.46 -8.20 -5.27
CA ARG D 34 -37.07 -7.40 -4.12
C ARG D 34 -35.56 -7.25 -4.09
N LEU D 35 -35.10 -6.02 -3.99
CA LEU D 35 -33.67 -5.75 -3.83
C LEU D 35 -33.28 -6.00 -2.39
N VAL D 36 -32.46 -7.01 -2.15
CA VAL D 36 -32.10 -7.38 -0.78
C VAL D 36 -30.71 -6.95 -0.39
N GLY D 37 -29.86 -6.55 -1.32
CA GLY D 37 -28.55 -6.12 -0.92
C GLY D 37 -27.64 -5.60 -2.00
N ARG D 38 -26.74 -4.71 -1.61
CA ARG D 38 -25.63 -4.25 -2.43
C ARG D 38 -24.37 -4.46 -1.62
N GLN D 39 -23.40 -5.17 -2.17
CA GLN D 39 -22.19 -5.55 -1.44
C GLN D 39 -20.96 -5.00 -2.13
N PHE D 40 -20.12 -4.32 -1.37
CA PHE D 40 -18.81 -3.89 -1.87
C PHE D 40 -17.85 -5.04 -1.63
N VAL D 41 -17.49 -5.73 -2.70
CA VAL D 41 -16.71 -6.96 -2.58
C VAL D 41 -15.26 -6.65 -2.25
N GLY D 42 -14.72 -5.58 -2.81
CA GLY D 42 -13.30 -5.32 -2.73
C GLY D 42 -12.67 -5.39 -4.10
N GLY D 43 -11.66 -4.56 -4.31
CA GLY D 43 -11.00 -4.52 -5.60
C GLY D 43 -11.82 -3.88 -6.69
N GLY D 44 -12.92 -3.22 -6.37
CA GLY D 44 -13.77 -2.60 -7.34
C GLY D 44 -15.04 -3.37 -7.64
N TYR D 45 -15.11 -4.65 -7.29
CA TYR D 45 -16.32 -5.43 -7.53
C TYR D 45 -17.45 -4.95 -6.64
N VAL D 46 -18.64 -4.85 -7.22
CA VAL D 46 -19.87 -4.58 -6.48
C VAL D 46 -20.91 -5.57 -6.95
N THR D 47 -21.68 -6.12 -6.02
CA THR D 47 -22.72 -7.09 -6.33
C THR D 47 -24.06 -6.61 -5.81
N VAL D 48 -25.10 -6.76 -6.62
CA VAL D 48 -26.48 -6.47 -6.22
C VAL D 48 -27.27 -7.76 -6.30
N LEU D 49 -28.14 -7.98 -5.33
CA LEU D 49 -28.88 -9.22 -5.19
C LEU D 49 -30.38 -8.95 -5.11
N VAL D 50 -31.17 -9.75 -5.81
CA VAL D 50 -32.62 -9.64 -5.79
C VAL D 50 -33.22 -11.00 -5.48
N ARG D 51 -34.44 -10.97 -4.93
CA ARG D 51 -35.18 -12.18 -4.61
C ARG D 51 -36.57 -12.10 -5.22
N GLY D 52 -37.11 -13.25 -5.58
CA GLY D 52 -38.45 -13.30 -6.11
C GLY D 52 -38.73 -14.65 -6.75
N GLU D 53 -39.81 -14.69 -7.51
CA GLU D 53 -40.18 -15.89 -8.24
C GLU D 53 -39.20 -16.15 -9.38
N THR D 54 -39.14 -17.40 -9.81
CA THR D 54 -38.15 -17.79 -10.81
C THR D 54 -38.31 -17.03 -12.12
N GLY D 55 -39.55 -16.91 -12.61
CA GLY D 55 -39.75 -16.18 -13.85
C GLY D 55 -39.44 -14.71 -13.71
N ALA D 56 -39.86 -14.11 -12.59
CA ALA D 56 -39.54 -12.72 -12.31
C ALA D 56 -38.04 -12.51 -12.25
N VAL D 57 -37.32 -13.43 -11.60
CA VAL D 57 -35.88 -13.27 -11.47
C VAL D 57 -35.19 -13.43 -12.82
N ASN D 58 -35.66 -14.36 -13.65
CA ASN D 58 -35.14 -14.48 -15.01
C ASN D 58 -35.28 -13.17 -15.76
N ALA D 59 -36.48 -12.61 -15.75
CA ALA D 59 -36.71 -11.34 -16.44
C ALA D 59 -35.83 -10.23 -15.87
N ALA D 60 -35.77 -10.13 -14.54
CA ALA D 60 -35.06 -9.05 -13.90
C ALA D 60 -33.58 -9.11 -14.21
N VAL D 61 -32.98 -10.31 -14.11
CA VAL D 61 -31.56 -10.42 -14.36
C VAL D 61 -31.24 -10.11 -15.81
N ARG D 62 -32.10 -10.55 -16.74
CA ARG D 62 -31.84 -10.21 -18.13
C ARG D 62 -31.89 -8.70 -18.34
N ALA D 63 -32.88 -8.02 -17.78
CA ALA D 63 -32.99 -6.59 -17.96
C ALA D 63 -31.82 -5.85 -17.31
N GLY D 64 -31.41 -6.28 -16.12
CA GLY D 64 -30.29 -5.63 -15.46
C GLY D 64 -28.99 -5.81 -16.22
N ALA D 65 -28.75 -7.01 -16.73
CA ALA D 65 -27.54 -7.24 -17.52
C ALA D 65 -27.55 -6.39 -18.79
N ASP D 66 -28.69 -6.30 -19.45
CA ASP D 66 -28.76 -5.50 -20.68
C ASP D 66 -28.56 -4.03 -20.36
N ALA D 67 -29.10 -3.55 -19.26
CA ALA D 67 -29.04 -2.13 -18.95
C ALA D 67 -27.65 -1.70 -18.48
N CYS D 68 -27.00 -2.50 -17.65
CA CYS D 68 -25.78 -2.03 -17.00
C CYS D 68 -24.52 -2.28 -17.81
N GLU D 69 -24.58 -3.03 -18.90
CA GLU D 69 -23.35 -3.43 -19.58
C GLU D 69 -22.64 -2.24 -20.23
N ARG D 70 -23.38 -1.21 -20.63
CA ARG D 70 -22.78 -0.06 -21.28
C ARG D 70 -22.45 1.06 -20.30
N VAL D 71 -22.61 0.85 -19.01
CA VAL D 71 -22.43 1.87 -18.01
C VAL D 71 -21.09 1.64 -17.32
N GLY D 72 -20.23 2.65 -17.34
CA GLY D 72 -18.97 2.59 -16.63
C GLY D 72 -18.10 1.45 -17.10
N ASP D 73 -17.50 0.76 -16.15
CA ASP D 73 -16.61 -0.36 -16.48
C ASP D 73 -17.37 -1.66 -16.70
N GLY D 74 -18.68 -1.67 -16.53
CA GLY D 74 -19.49 -2.71 -17.10
C GLY D 74 -19.81 -3.86 -16.18
N LEU D 75 -20.11 -4.99 -16.79
CA LEU D 75 -20.75 -6.12 -16.15
C LEU D 75 -19.79 -7.29 -16.06
N VAL D 76 -19.77 -7.93 -14.89
CA VAL D 76 -18.87 -9.06 -14.65
C VAL D 76 -19.62 -10.40 -14.69
N ALA D 77 -20.79 -10.46 -14.05
CA ALA D 77 -21.52 -11.72 -13.98
C ALA D 77 -23.00 -11.47 -13.82
N ALA D 78 -23.80 -12.35 -14.39
CA ALA D 78 -25.25 -12.36 -14.19
C ALA D 78 -25.66 -13.80 -13.94
N HIS D 79 -26.20 -14.06 -12.76
CA HIS D 79 -26.37 -15.42 -12.28
C HIS D 79 -27.71 -15.57 -11.59
N ILE D 80 -28.30 -16.76 -11.70
CA ILE D 80 -29.58 -17.07 -11.06
C ILE D 80 -29.41 -18.36 -10.27
N ILE D 81 -29.89 -18.35 -9.03
CA ILE D 81 -30.01 -19.57 -8.23
C ILE D 81 -31.49 -19.77 -7.97
N ALA D 82 -32.09 -20.74 -8.66
CA ALA D 82 -33.54 -20.89 -8.62
C ALA D 82 -34.02 -21.33 -7.23
N ARG D 83 -33.28 -22.21 -6.58
CA ARG D 83 -33.67 -22.72 -5.27
C ARG D 83 -32.45 -22.62 -4.35
N VAL D 84 -32.49 -21.68 -3.41
CA VAL D 84 -31.34 -21.41 -2.56
C VAL D 84 -31.38 -22.35 -1.36
N HIS D 85 -30.27 -23.05 -1.11
CA HIS D 85 -30.17 -23.89 0.06
C HIS D 85 -30.24 -23.06 1.33
N SER D 86 -30.83 -23.64 2.37
CA SER D 86 -31.05 -22.90 3.61
C SER D 86 -29.74 -22.47 4.27
N GLU D 87 -28.66 -23.21 4.04
CA GLU D 87 -27.38 -22.83 4.61
C GLU D 87 -26.89 -21.50 4.02
N VAL D 88 -27.07 -21.32 2.72
CA VAL D 88 -26.58 -20.12 2.05
C VAL D 88 -27.32 -18.87 2.50
N GLU D 89 -28.52 -19.00 3.06
CA GLU D 89 -29.24 -17.82 3.50
C GLU D 89 -28.52 -17.07 4.59
N ASN D 90 -27.59 -17.72 5.29
CA ASN D 90 -26.85 -17.04 6.36
C ASN D 90 -25.83 -16.05 5.82
N ILE D 91 -25.36 -16.22 4.59
CA ILE D 91 -24.44 -15.27 3.99
C ILE D 91 -25.13 -14.33 3.02
N LEU D 92 -26.45 -14.41 2.92
CA LEU D 92 -27.12 -13.44 2.07
C LEU D 92 -27.74 -12.34 2.90
N PRO D 93 -27.61 -11.08 2.49
CA PRO D 93 -28.29 -10.01 3.21
C PRO D 93 -29.79 -10.10 3.05
N LYS D 94 -30.51 -9.65 4.07
CA LYS D 94 -31.97 -9.65 4.05
C LYS D 94 -32.55 -8.34 3.57
N ALA D 95 -31.96 -7.22 3.98
CA ALA D 95 -32.39 -5.90 3.55
C ALA D 95 -31.14 -5.08 3.24
N PRO D 96 -31.24 -4.11 2.32
CA PRO D 96 -30.11 -3.27 1.98
C PRO D 96 -29.63 -2.41 3.14
N VAL E 4 -3.94 30.75 9.13
CA VAL E 4 -4.11 30.63 7.68
C VAL E 4 -5.59 30.64 7.33
N THR E 5 -5.99 31.61 6.51
CA THR E 5 -7.36 31.74 6.05
C THR E 5 -7.42 31.42 4.55
N GLY E 6 -8.61 31.55 3.99
CA GLY E 6 -8.83 31.26 2.59
C GLY E 6 -9.55 29.93 2.41
N ILE E 7 -10.38 29.87 1.36
CA ILE E 7 -11.20 28.70 1.12
C ILE E 7 -10.79 27.98 -0.15
N ALA E 8 -9.69 28.37 -0.77
CA ALA E 8 -9.19 27.61 -1.90
C ALA E 8 -8.73 26.23 -1.45
N LEU E 9 -8.75 25.28 -2.37
CA LEU E 9 -8.41 23.91 -2.05
C LEU E 9 -7.37 23.40 -3.04
N GLY E 10 -6.33 22.78 -2.53
CA GLY E 10 -5.33 22.10 -3.35
C GLY E 10 -5.26 20.65 -2.98
N MET E 11 -5.23 19.79 -3.98
CA MET E 11 -5.19 18.35 -3.78
C MET E 11 -4.06 17.74 -4.59
N ILE E 12 -3.39 16.76 -4.01
CA ILE E 12 -2.40 15.96 -4.71
C ILE E 12 -2.70 14.49 -4.44
N GLU E 13 -2.82 13.71 -5.50
CA GLU E 13 -3.07 12.28 -5.38
C GLU E 13 -1.85 11.52 -5.88
N THR E 14 -1.42 10.53 -5.13
CA THR E 14 -0.22 9.77 -5.43
C THR E 14 -0.50 8.28 -5.36
N ARG E 15 0.40 7.50 -5.95
CA ARG E 15 0.39 6.05 -5.79
C ARG E 15 1.31 5.70 -4.63
N GLY E 16 0.72 5.34 -3.50
CA GLY E 16 1.47 5.08 -2.29
C GLY E 16 1.49 6.28 -1.36
N LEU E 17 1.87 6.01 -0.11
CA LEU E 17 1.85 7.04 0.92
C LEU E 17 3.12 7.90 0.93
N VAL E 18 4.26 7.32 0.59
CA VAL E 18 5.52 8.07 0.69
C VAL E 18 5.55 9.30 -0.21
N PRO E 19 5.21 9.21 -1.51
CA PRO E 19 5.11 10.43 -2.30
C PRO E 19 4.08 11.40 -1.77
N ALA E 20 3.01 10.91 -1.16
CA ALA E 20 2.02 11.79 -0.58
C ALA E 20 2.59 12.61 0.57
N ILE E 21 3.38 11.98 1.44
CA ILE E 21 3.98 12.69 2.55
C ILE E 21 5.02 13.69 2.05
N GLU E 22 5.80 13.31 1.05
CA GLU E 22 6.73 14.27 0.46
C GLU E 22 5.99 15.46 -0.13
N ALA E 23 4.88 15.20 -0.83
CA ALA E 23 4.09 16.28 -1.41
C ALA E 23 3.54 17.20 -0.33
N ALA E 24 3.03 16.63 0.75
CA ALA E 24 2.49 17.46 1.83
C ALA E 24 3.57 18.32 2.45
N ASP E 25 4.75 17.75 2.66
CA ASP E 25 5.86 18.52 3.22
C ASP E 25 6.23 19.67 2.29
N ALA E 26 6.39 19.39 1.01
CA ALA E 26 6.74 20.45 0.06
C ALA E 26 5.67 21.51 -0.02
N MET E 27 4.40 21.11 0.00
CA MET E 27 3.30 22.06 -0.09
C MET E 27 3.30 23.00 1.10
N THR E 28 3.40 22.44 2.31
CA THR E 28 3.32 23.29 3.49
C THR E 28 4.59 24.10 3.70
N LYS E 29 5.71 23.66 3.15
CA LYS E 29 6.92 24.48 3.22
C LYS E 29 6.89 25.61 2.20
N ALA E 30 6.30 25.39 1.04
CA ALA E 30 6.36 26.38 -0.04
C ALA E 30 5.45 27.58 0.19
N ALA E 31 4.32 27.41 0.85
CA ALA E 31 3.37 28.51 0.96
C ALA E 31 2.56 28.36 2.24
N GLU E 32 1.80 29.40 2.55
CA GLU E 32 0.97 29.42 3.76
C GLU E 32 -0.34 28.70 3.48
N VAL E 33 -0.31 27.39 3.64
CA VAL E 33 -1.49 26.55 3.47
C VAL E 33 -1.62 25.65 4.69
N ARG E 34 -2.84 25.21 4.95
CA ARG E 34 -3.13 24.30 6.04
C ARG E 34 -3.37 22.92 5.49
N LEU E 35 -2.67 21.93 6.03
CA LEU E 35 -2.92 20.54 5.67
C LEU E 35 -4.15 20.06 6.43
N VAL E 36 -5.23 19.78 5.71
CA VAL E 36 -6.50 19.43 6.35
C VAL E 36 -6.81 17.95 6.28
N GLY E 37 -6.05 17.16 5.53
CA GLY E 37 -6.36 15.75 5.46
C GLY E 37 -5.44 14.91 4.62
N ARG E 38 -5.33 13.65 4.99
CA ARG E 38 -4.66 12.63 4.19
C ARG E 38 -5.62 11.46 4.11
N GLN E 39 -6.05 11.11 2.91
CA GLN E 39 -7.09 10.12 2.72
C GLN E 39 -6.53 8.90 2.00
N PHE E 40 -6.74 7.73 2.58
CA PHE E 40 -6.45 6.48 1.90
C PHE E 40 -7.64 6.12 1.02
N VAL E 41 -7.49 6.30 -0.28
CA VAL E 41 -8.61 6.14 -1.20
C VAL E 41 -8.96 4.68 -1.43
N GLY E 42 -7.97 3.80 -1.50
CA GLY E 42 -8.22 2.43 -1.87
C GLY E 42 -7.43 2.08 -3.12
N GLY E 43 -6.99 0.84 -3.22
CA GLY E 43 -6.19 0.46 -4.36
C GLY E 43 -4.82 1.11 -4.43
N GLY E 44 -4.36 1.72 -3.35
CA GLY E 44 -3.06 2.35 -3.34
C GLY E 44 -3.06 3.86 -3.51
N TYR E 45 -4.18 4.45 -3.94
CA TYR E 45 -4.25 5.89 -4.08
C TYR E 45 -4.22 6.56 -2.71
N VAL E 46 -3.48 7.65 -2.61
CA VAL E 46 -3.46 8.49 -1.41
C VAL E 46 -3.62 9.94 -1.85
N THR E 47 -4.46 10.68 -1.14
CA THR E 47 -4.73 12.07 -1.45
C THR E 47 -4.42 12.94 -0.23
N VAL E 48 -3.70 14.03 -0.46
CA VAL E 48 -3.45 15.04 0.56
C VAL E 48 -4.12 16.33 0.14
N LEU E 49 -4.75 17.01 1.09
CA LEU E 49 -5.56 18.18 0.81
C LEU E 49 -5.09 19.36 1.65
N VAL E 50 -5.00 20.54 1.03
CA VAL E 50 -4.59 21.75 1.72
C VAL E 50 -5.61 22.85 1.44
N ARG E 51 -5.72 23.79 2.37
CA ARG E 51 -6.60 24.95 2.23
C ARG E 51 -5.80 26.23 2.43
N GLY E 52 -6.27 27.31 1.82
CA GLY E 52 -5.62 28.59 1.96
C GLY E 52 -6.14 29.57 0.93
N GLU E 53 -5.39 30.65 0.72
CA GLU E 53 -5.72 31.62 -0.31
C GLU E 53 -5.33 31.08 -1.68
N THR E 54 -5.92 31.69 -2.72
CA THR E 54 -5.72 31.16 -4.07
C THR E 54 -4.25 31.20 -4.49
N GLY E 55 -3.57 32.31 -4.20
CA GLY E 55 -2.16 32.40 -4.56
C GLY E 55 -1.31 31.41 -3.78
N ALA E 56 -1.57 31.30 -2.48
CA ALA E 56 -0.83 30.34 -1.66
C ALA E 56 -1.07 28.92 -2.13
N VAL E 57 -2.32 28.56 -2.41
CA VAL E 57 -2.61 27.21 -2.85
C VAL E 57 -2.00 26.94 -4.21
N ASN E 58 -2.03 27.93 -5.10
CA ASN E 58 -1.38 27.77 -6.40
C ASN E 58 0.10 27.46 -6.24
N ALA E 59 0.80 28.25 -5.44
CA ALA E 59 2.22 28.02 -5.22
C ALA E 59 2.47 26.67 -4.56
N ALA E 60 1.66 26.32 -3.57
CA ALA E 60 1.86 25.08 -2.82
C ALA E 60 1.67 23.88 -3.72
N VAL E 61 0.61 23.87 -4.53
CA VAL E 61 0.37 22.72 -5.38
C VAL E 61 1.45 22.59 -6.43
N ARG E 62 1.91 23.72 -6.98
CA ARG E 62 3.01 23.63 -7.94
C ARG E 62 4.24 23.00 -7.31
N ALA E 63 4.59 23.45 -6.10
CA ALA E 63 5.77 22.90 -5.43
C ALA E 63 5.59 21.42 -5.11
N GLY E 64 4.42 21.03 -4.60
CA GLY E 64 4.21 19.64 -4.23
C GLY E 64 4.23 18.73 -5.43
N ALA E 65 3.60 19.13 -6.53
CA ALA E 65 3.63 18.33 -7.74
C ALA E 65 5.05 18.18 -8.25
N ASP E 66 5.85 19.24 -8.17
CA ASP E 66 7.25 19.10 -8.58
C ASP E 66 7.99 18.13 -7.67
N ALA E 67 7.72 18.19 -6.36
CA ALA E 67 8.54 17.45 -5.42
C ALA E 67 8.25 15.96 -5.44
N CYS E 68 6.99 15.57 -5.58
CA CYS E 68 6.64 14.17 -5.40
C CYS E 68 6.69 13.34 -6.68
N GLU E 69 7.01 13.94 -7.82
CA GLU E 69 6.83 13.23 -9.07
C GLU E 69 7.81 12.07 -9.24
N ARG E 70 9.00 12.17 -8.66
CA ARG E 70 9.99 11.11 -8.79
C ARG E 70 10.11 10.26 -7.54
N VAL E 71 9.18 10.37 -6.61
CA VAL E 71 9.23 9.64 -5.35
C VAL E 71 8.33 8.42 -5.47
N GLY E 72 8.91 7.24 -5.23
CA GLY E 72 8.12 6.03 -5.19
C GLY E 72 7.42 5.77 -6.51
N ASP E 73 6.15 5.41 -6.43
CA ASP E 73 5.36 5.14 -7.62
C ASP E 73 4.77 6.39 -8.24
N GLY E 74 5.02 7.56 -7.66
CA GLY E 74 4.84 8.81 -8.37
C GLY E 74 3.51 9.48 -8.10
N LEU E 75 3.23 10.45 -8.96
CA LEU E 75 2.11 11.37 -8.81
C LEU E 75 0.97 10.97 -9.73
N VAL E 76 -0.27 11.13 -9.26
CA VAL E 76 -1.45 10.86 -10.06
C VAL E 76 -2.12 12.15 -10.52
N ALA E 77 -2.41 13.05 -9.58
CA ALA E 77 -3.12 14.28 -9.89
C ALA E 77 -2.62 15.40 -9.01
N ALA E 78 -2.59 16.60 -9.58
CA ALA E 78 -2.32 17.82 -8.84
C ALA E 78 -3.36 18.85 -9.28
N HIS E 79 -4.26 19.23 -8.40
CA HIS E 79 -5.43 20.01 -8.77
C HIS E 79 -5.62 21.19 -7.83
N ILE E 80 -6.11 22.29 -8.38
CA ILE E 80 -6.41 23.51 -7.62
C ILE E 80 -7.86 23.88 -7.87
N ILE E 81 -8.58 24.18 -6.80
CA ILE E 81 -9.93 24.73 -6.89
C ILE E 81 -9.95 26.03 -6.11
N ALA E 82 -10.13 27.15 -6.81
CA ALA E 82 -10.04 28.46 -6.17
C ALA E 82 -11.15 28.69 -5.17
N ARG E 83 -12.38 28.31 -5.50
CA ARG E 83 -13.53 28.49 -4.62
C ARG E 83 -14.30 27.19 -4.57
N VAL E 84 -14.48 26.65 -3.38
CA VAL E 84 -15.14 25.36 -3.21
C VAL E 84 -16.61 25.60 -2.89
N HIS E 85 -17.48 24.93 -3.63
CA HIS E 85 -18.90 25.01 -3.35
C HIS E 85 -19.20 24.51 -1.95
N SER E 86 -20.18 25.13 -1.30
CA SER E 86 -20.52 24.75 0.07
C SER E 86 -20.95 23.29 0.17
N GLU E 87 -21.51 22.73 -0.90
CA GLU E 87 -21.91 21.33 -0.88
C GLU E 87 -20.70 20.41 -0.73
N VAL E 88 -19.61 20.72 -1.43
CA VAL E 88 -18.43 19.89 -1.39
C VAL E 88 -17.73 19.94 -0.04
N GLU E 89 -17.97 20.98 0.76
CA GLU E 89 -17.31 21.05 2.05
C GLU E 89 -17.74 19.91 2.97
N ASN E 90 -18.88 19.29 2.71
CA ASN E 90 -19.33 18.18 3.52
C ASN E 90 -18.52 16.92 3.31
N ILE E 91 -17.84 16.77 2.17
CA ILE E 91 -17.02 15.61 1.91
C ILE E 91 -15.53 15.93 2.03
N LEU E 92 -15.18 17.08 2.57
CA LEU E 92 -13.79 17.44 2.77
C LEU E 92 -13.44 17.37 4.24
N PRO E 93 -12.34 16.71 4.60
CA PRO E 93 -11.94 16.69 6.01
C PRO E 93 -11.55 18.07 6.48
N LYS E 94 -11.83 18.34 7.76
CA LYS E 94 -11.47 19.62 8.35
C LYS E 94 -10.12 19.57 9.06
N ALA E 95 -9.75 18.43 9.63
CA ALA E 95 -8.46 18.25 10.25
C ALA E 95 -7.95 16.85 9.93
N PRO E 96 -6.63 16.66 9.88
CA PRO E 96 -6.05 15.35 9.56
C PRO E 96 -6.38 14.29 10.61
N GLY F 6 -35.86 17.64 -5.54
CA GLY F 6 -36.14 16.71 -6.63
C GLY F 6 -35.80 15.28 -6.30
N ILE F 7 -36.13 14.37 -7.22
CA ILE F 7 -35.96 12.95 -6.98
C ILE F 7 -35.11 12.27 -8.06
N ALA F 8 -34.59 13.04 -9.01
CA ALA F 8 -33.67 12.45 -9.96
C ALA F 8 -32.35 12.13 -9.27
N LEU F 9 -31.59 11.23 -9.88
CA LEU F 9 -30.31 10.81 -9.33
C LEU F 9 -29.23 10.95 -10.38
N GLY F 10 -28.12 11.57 -10.01
CA GLY F 10 -26.97 11.63 -10.89
C GLY F 10 -25.74 11.11 -10.18
N MET F 11 -24.97 10.26 -10.85
CA MET F 11 -23.74 9.74 -10.27
C MET F 11 -22.59 9.86 -11.24
N ILE F 12 -21.41 10.09 -10.69
CA ILE F 12 -20.16 10.11 -11.45
C ILE F 12 -19.16 9.23 -10.71
N GLU F 13 -18.55 8.31 -11.44
CA GLU F 13 -17.54 7.42 -10.91
C GLU F 13 -16.18 7.73 -11.53
N THR F 14 -15.14 7.78 -10.70
CA THR F 14 -13.82 8.16 -11.16
C THR F 14 -12.78 7.18 -10.63
N ARG F 15 -11.60 7.23 -11.22
CA ARG F 15 -10.44 6.50 -10.70
C ARG F 15 -9.65 7.45 -9.80
N GLY F 16 -9.80 7.28 -8.50
CA GLY F 16 -9.16 8.15 -7.55
C GLY F 16 -10.11 9.24 -7.04
N LEU F 17 -9.67 9.91 -5.99
CA LEU F 17 -10.50 10.86 -5.27
C LEU F 17 -10.45 12.27 -5.85
N VAL F 18 -9.33 12.68 -6.42
CA VAL F 18 -9.22 14.04 -6.93
C VAL F 18 -10.20 14.30 -8.09
N PRO F 19 -10.28 13.44 -9.11
CA PRO F 19 -11.34 13.62 -10.11
C PRO F 19 -12.73 13.57 -9.52
N ALA F 20 -12.95 12.77 -8.47
CA ALA F 20 -14.26 12.73 -7.86
C ALA F 20 -14.62 14.06 -7.20
N ILE F 21 -13.67 14.68 -6.50
CA ILE F 21 -13.94 15.96 -5.86
C ILE F 21 -14.15 17.04 -6.90
N GLU F 22 -13.35 17.01 -7.97
CA GLU F 22 -13.56 17.97 -9.05
C GLU F 22 -14.94 17.78 -9.68
N ALA F 23 -15.35 16.53 -9.90
CA ALA F 23 -16.67 16.27 -10.47
C ALA F 23 -17.78 16.77 -9.56
N ALA F 24 -17.67 16.51 -8.26
CA ALA F 24 -18.69 16.97 -7.33
C ALA F 24 -18.79 18.48 -7.31
N ASP F 25 -17.63 19.14 -7.31
CA ASP F 25 -17.60 20.59 -7.30
C ASP F 25 -18.23 21.16 -8.57
N ALA F 26 -17.89 20.60 -9.72
CA ALA F 26 -18.48 21.06 -10.97
C ALA F 26 -19.97 20.82 -11.00
N MET F 27 -20.41 19.65 -10.52
CA MET F 27 -21.83 19.34 -10.52
C MET F 27 -22.60 20.34 -9.68
N THR F 28 -22.13 20.60 -8.46
CA THR F 28 -22.87 21.50 -7.59
C THR F 28 -22.76 22.95 -8.01
N LYS F 29 -21.70 23.32 -8.74
CA LYS F 29 -21.64 24.67 -9.29
C LYS F 29 -22.47 24.83 -10.54
N ALA F 30 -22.85 23.73 -11.20
CA ALA F 30 -23.54 23.83 -12.47
C ALA F 30 -25.04 23.99 -12.32
N ALA F 31 -25.63 23.41 -11.28
CA ALA F 31 -27.08 23.40 -11.16
C ALA F 31 -27.44 23.24 -9.70
N GLU F 32 -28.74 23.28 -9.41
CA GLU F 32 -29.25 23.17 -8.05
C GLU F 32 -29.43 21.69 -7.70
N VAL F 33 -28.33 21.07 -7.31
CA VAL F 33 -28.34 19.66 -6.90
C VAL F 33 -27.70 19.56 -5.53
N ARG F 34 -28.12 18.56 -4.77
CA ARG F 34 -27.57 18.29 -3.45
C ARG F 34 -26.64 17.10 -3.51
N LEU F 35 -25.43 17.27 -3.01
CA LEU F 35 -24.47 16.18 -2.91
C LEU F 35 -24.88 15.29 -1.74
N VAL F 36 -25.27 14.05 -2.04
CA VAL F 36 -25.77 13.15 -1.00
C VAL F 36 -24.78 12.06 -0.64
N GLY F 37 -23.69 11.91 -1.37
CA GLY F 37 -22.77 10.85 -1.04
C GLY F 37 -21.47 10.85 -1.80
N ARG F 38 -20.40 10.51 -1.11
CA ARG F 38 -19.11 10.21 -1.72
C ARG F 38 -18.70 8.83 -1.19
N GLN F 39 -18.65 7.86 -2.08
CA GLN F 39 -18.44 6.47 -1.68
C GLN F 39 -17.10 5.98 -2.18
N PHE F 40 -16.28 5.47 -1.27
CA PHE F 40 -15.06 4.76 -1.64
C PHE F 40 -15.47 3.33 -1.97
N VAL F 41 -15.53 3.03 -3.26
CA VAL F 41 -16.05 1.75 -3.72
C VAL F 41 -15.11 0.61 -3.39
N GLY F 42 -13.81 0.86 -3.44
CA GLY F 42 -12.84 -0.21 -3.32
C GLY F 42 -12.02 -0.30 -4.57
N GLY F 43 -10.74 -0.62 -4.45
CA GLY F 43 -9.89 -0.73 -5.61
C GLY F 43 -9.55 0.58 -6.27
N GLY F 44 -9.89 1.71 -5.68
CA GLY F 44 -9.62 3.01 -6.24
C GLY F 44 -10.81 3.72 -6.85
N TYR F 45 -11.92 3.02 -7.09
CA TYR F 45 -13.11 3.69 -7.60
C TYR F 45 -13.70 4.60 -6.53
N VAL F 46 -14.11 5.79 -6.95
CA VAL F 46 -14.84 6.72 -6.10
C VAL F 46 -16.09 7.17 -6.85
N THR F 47 -17.21 7.20 -6.14
CA THR F 47 -18.48 7.59 -6.73
C THR F 47 -19.07 8.74 -5.92
N VAL F 48 -19.54 9.76 -6.62
CA VAL F 48 -20.24 10.89 -6.00
C VAL F 48 -21.66 10.92 -6.55
N LEU F 49 -22.63 11.15 -5.67
CA LEU F 49 -24.04 11.07 -6.01
C LEU F 49 -24.74 12.38 -5.67
N VAL F 50 -25.62 12.82 -6.56
CA VAL F 50 -26.38 14.05 -6.38
C VAL F 50 -27.86 13.78 -6.61
N ARG F 51 -28.70 14.58 -5.97
CA ARG F 51 -30.14 14.49 -6.15
C ARG F 51 -30.68 15.87 -6.51
N GLY F 52 -31.76 15.87 -7.28
CA GLY F 52 -32.41 17.12 -7.64
C GLY F 52 -33.45 16.89 -8.71
N GLU F 53 -33.95 17.99 -9.24
CA GLU F 53 -34.88 17.93 -10.37
C GLU F 53 -34.17 17.40 -11.60
N THR F 54 -34.93 16.79 -12.50
CA THR F 54 -34.33 16.05 -13.60
C THR F 54 -33.48 16.96 -14.48
N GLY F 55 -33.99 18.13 -14.83
CA GLY F 55 -33.19 19.04 -15.65
C GLY F 55 -31.94 19.50 -14.95
N ALA F 56 -32.04 19.82 -13.67
CA ALA F 56 -30.89 20.22 -12.89
C ALA F 56 -29.86 19.10 -12.84
N VAL F 57 -30.30 17.86 -12.59
CA VAL F 57 -29.38 16.74 -12.50
C VAL F 57 -28.74 16.48 -13.85
N ASN F 58 -29.50 16.61 -14.93
CA ASN F 58 -28.96 16.45 -16.27
C ASN F 58 -27.83 17.43 -16.52
N ALA F 59 -28.08 18.71 -16.24
CA ALA F 59 -27.05 19.73 -16.45
C ALA F 59 -25.85 19.49 -15.56
N ALA F 60 -26.08 19.16 -14.29
CA ALA F 60 -24.98 18.95 -13.36
C ALA F 60 -24.10 17.79 -13.80
N VAL F 61 -24.71 16.67 -14.19
CA VAL F 61 -23.90 15.51 -14.54
C VAL F 61 -23.13 15.76 -15.82
N ARG F 62 -23.74 16.45 -16.79
CA ARG F 62 -22.99 16.79 -17.99
C ARG F 62 -21.78 17.66 -17.67
N ALA F 63 -21.98 18.70 -16.87
CA ALA F 63 -20.87 19.58 -16.52
C ALA F 63 -19.79 18.83 -15.75
N GLY F 64 -20.20 18.00 -14.79
CA GLY F 64 -19.24 17.27 -13.99
C GLY F 64 -18.43 16.28 -14.80
N ALA F 65 -19.07 15.58 -15.73
CA ALA F 65 -18.34 14.68 -16.59
C ALA F 65 -17.34 15.43 -17.43
N ASP F 66 -17.72 16.61 -17.92
CA ASP F 66 -16.75 17.39 -18.69
C ASP F 66 -15.56 17.81 -17.83
N ALA F 67 -15.83 18.20 -16.58
CA ALA F 67 -14.77 18.78 -15.76
C ALA F 67 -13.71 17.76 -15.36
N CYS F 68 -14.12 16.56 -14.99
CA CYS F 68 -13.21 15.61 -14.38
C CYS F 68 -12.59 14.63 -15.38
N GLU F 69 -12.87 14.79 -16.67
CA GLU F 69 -12.37 13.83 -17.64
C GLU F 69 -10.84 13.85 -17.73
N ARG F 70 -10.24 15.03 -17.63
CA ARG F 70 -8.79 15.17 -17.77
C ARG F 70 -8.07 15.33 -16.43
N VAL F 71 -8.73 15.03 -15.32
CA VAL F 71 -8.16 15.19 -14.00
C VAL F 71 -7.70 13.84 -13.50
N GLY F 72 -6.43 13.73 -13.13
CA GLY F 72 -5.92 12.51 -12.54
C GLY F 72 -6.04 11.33 -13.48
N ASP F 73 -6.50 10.22 -12.94
CA ASP F 73 -6.70 9.00 -13.72
C ASP F 73 -8.04 8.96 -14.42
N GLY F 74 -8.88 9.96 -14.22
CA GLY F 74 -9.97 10.23 -15.15
C GLY F 74 -11.32 9.71 -14.70
N LEU F 75 -12.23 9.73 -15.66
CA LEU F 75 -13.63 9.40 -15.46
C LEU F 75 -13.93 7.96 -15.84
N VAL F 76 -14.79 7.32 -15.06
CA VAL F 76 -15.26 5.98 -15.33
C VAL F 76 -16.67 6.00 -15.90
N ALA F 77 -17.59 6.68 -15.24
CA ALA F 77 -18.99 6.68 -15.62
C ALA F 77 -19.66 7.97 -15.19
N ALA F 78 -20.59 8.43 -16.02
CA ALA F 78 -21.46 9.55 -15.67
C ALA F 78 -22.87 9.13 -16.06
N HIS F 79 -23.73 8.95 -15.08
CA HIS F 79 -25.03 8.32 -15.29
C HIS F 79 -26.12 9.15 -14.65
N ILE F 80 -27.28 9.18 -15.30
CA ILE F 80 -28.45 9.89 -14.80
C ILE F 80 -29.63 8.94 -14.75
N ILE F 81 -30.33 8.92 -13.62
CA ILE F 81 -31.56 8.16 -13.48
C ILE F 81 -32.65 9.16 -13.09
N ALA F 82 -33.54 9.46 -14.03
CA ALA F 82 -34.54 10.50 -13.79
C ALA F 82 -35.59 10.04 -12.78
N ARG F 83 -36.01 8.79 -12.87
CA ARG F 83 -37.04 8.24 -12.00
C ARG F 83 -36.45 7.03 -11.29
N VAL F 84 -36.22 7.15 -10.00
CA VAL F 84 -35.59 6.09 -9.24
C VAL F 84 -36.65 5.18 -8.64
N HIS F 85 -36.52 3.89 -8.87
CA HIS F 85 -37.43 2.93 -8.26
C HIS F 85 -37.32 2.99 -6.74
N SER F 86 -38.44 2.79 -6.06
CA SER F 86 -38.47 2.93 -4.61
C SER F 86 -37.55 1.93 -3.93
N GLU F 87 -37.34 0.76 -4.54
CA GLU F 87 -36.45 -0.23 -3.93
C GLU F 87 -35.02 0.27 -3.90
N VAL F 88 -34.58 0.96 -4.96
CA VAL F 88 -33.21 1.41 -5.04
C VAL F 88 -32.87 2.45 -4.00
N GLU F 89 -33.86 3.16 -3.47
CA GLU F 89 -33.58 4.19 -2.48
C GLU F 89 -32.93 3.63 -1.22
N ASN F 90 -33.09 2.33 -0.97
CA ASN F 90 -32.50 1.74 0.23
C ASN F 90 -31.00 1.57 0.12
N ILE F 91 -30.43 1.58 -1.08
CA ILE F 91 -28.98 1.50 -1.23
C ILE F 91 -28.36 2.84 -1.58
N LEU F 92 -29.12 3.91 -1.53
CA LEU F 92 -28.60 5.23 -1.85
C LEU F 92 -28.39 6.03 -0.58
N PRO F 93 -27.22 6.64 -0.38
CA PRO F 93 -27.02 7.45 0.81
C PRO F 93 -27.88 8.70 0.79
N LYS F 94 -28.26 9.15 1.98
CA LYS F 94 -29.07 10.35 2.13
C LYS F 94 -28.25 11.60 2.40
N ALA F 95 -27.14 11.49 3.10
CA ALA F 95 -26.26 12.62 3.37
C ALA F 95 -24.83 12.13 3.33
N PRO F 96 -23.88 12.99 2.99
CA PRO F 96 -22.48 12.56 2.97
C PRO F 96 -21.98 12.22 4.36
N GLU F 97 -21.02 11.31 4.41
CA GLU F 97 -20.43 10.90 5.68
C GLU F 97 -19.02 11.45 5.84
N GLY G 6 16.88 13.42 17.62
CA GLY G 6 16.76 13.62 16.19
C GLY G 6 15.34 13.58 15.70
N ILE G 7 15.01 14.45 14.75
CA ILE G 7 13.64 14.56 14.26
C ILE G 7 13.56 14.39 12.75
N ALA G 8 14.62 13.90 12.12
CA ALA G 8 14.51 13.54 10.72
C ALA G 8 13.55 12.36 10.55
N LEU G 9 13.01 12.22 9.36
CA LEU G 9 12.01 11.18 9.08
C LEU G 9 12.48 10.34 7.91
N GLY G 10 12.45 9.02 8.09
CA GLY G 10 12.77 8.09 7.04
C GLY G 10 11.59 7.17 6.79
N MET G 11 11.34 6.87 5.52
CA MET G 11 10.18 6.08 5.13
C MET G 11 10.59 5.05 4.09
N ILE G 12 10.03 3.86 4.21
CA ILE G 12 10.18 2.81 3.20
C ILE G 12 8.80 2.27 2.89
N GLU G 13 8.49 2.12 1.61
CA GLU G 13 7.23 1.59 1.14
C GLU G 13 7.47 0.31 0.36
N THR G 14 6.69 -0.72 0.64
CA THR G 14 6.88 -2.03 0.05
C THR G 14 5.55 -2.58 -0.45
N ARG G 15 5.63 -3.59 -1.31
CA ARG G 15 4.45 -4.35 -1.69
C ARG G 15 4.36 -5.56 -0.78
N GLY G 16 3.34 -5.61 0.05
CA GLY G 16 3.21 -6.66 1.03
C GLY G 16 3.82 -6.29 2.37
N LEU G 17 3.48 -7.08 3.37
CA LEU G 17 3.89 -6.80 4.74
C LEU G 17 5.24 -7.41 5.09
N VAL G 18 5.57 -8.56 4.52
CA VAL G 18 6.83 -9.22 4.89
C VAL G 18 8.05 -8.37 4.55
N PRO G 19 8.18 -7.81 3.33
CA PRO G 19 9.30 -6.89 3.09
C PRO G 19 9.27 -5.68 4.00
N ALA G 20 8.08 -5.20 4.37
CA ALA G 20 8.01 -4.05 5.29
C ALA G 20 8.58 -4.40 6.65
N ILE G 21 8.25 -5.57 7.18
CA ILE G 21 8.77 -5.96 8.49
C ILE G 21 10.27 -6.19 8.40
N GLU G 22 10.74 -6.80 7.33
CA GLU G 22 12.18 -6.98 7.16
C GLU G 22 12.89 -5.63 7.07
N ALA G 23 12.29 -4.68 6.35
CA ALA G 23 12.87 -3.35 6.26
C ALA G 23 12.92 -2.68 7.62
N ALA G 24 11.87 -2.81 8.42
CA ALA G 24 11.87 -2.20 9.74
C ALA G 24 12.95 -2.81 10.62
N ASP G 25 13.09 -4.13 10.57
CA ASP G 25 14.14 -4.79 11.35
C ASP G 25 15.53 -4.31 10.93
N ALA G 26 15.79 -4.29 9.62
CA ALA G 26 17.09 -3.87 9.15
C ALA G 26 17.36 -2.41 9.48
N MET G 27 16.33 -1.56 9.38
CA MET G 27 16.50 -0.15 9.67
C MET G 27 16.85 0.08 11.13
N THR G 28 16.13 -0.58 12.04
CA THR G 28 16.40 -0.35 13.45
C THR G 28 17.72 -0.99 13.86
N LYS G 29 18.14 -2.06 13.20
CA LYS G 29 19.43 -2.65 13.55
C LYS G 29 20.60 -1.87 12.96
N ALA G 30 20.42 -1.22 11.83
CA ALA G 30 21.54 -0.61 11.14
C ALA G 30 22.01 0.68 11.79
N ALA G 31 21.09 1.52 12.26
CA ALA G 31 21.46 2.83 12.76
C ALA G 31 20.57 3.20 13.92
N GLU G 32 20.90 4.33 14.55
CA GLU G 32 20.19 4.79 15.75
C GLU G 32 18.94 5.54 15.32
N VAL G 33 17.86 4.81 15.09
CA VAL G 33 16.57 5.37 14.71
C VAL G 33 15.48 4.73 15.56
N ARG G 34 14.33 5.38 15.59
CA ARG G 34 13.16 4.90 16.30
C ARG G 34 12.06 4.56 15.30
N LEU G 35 11.51 3.37 15.39
CA LEU G 35 10.36 2.99 14.59
C LEU G 35 9.12 3.65 15.16
N VAL G 36 8.39 4.41 14.35
CA VAL G 36 7.24 5.17 14.83
C VAL G 36 5.93 4.74 14.23
N GLY G 37 5.91 3.92 13.20
CA GLY G 37 4.64 3.49 12.65
C GLY G 37 4.80 2.49 11.54
N ARG G 38 3.71 1.76 11.31
CA ARG G 38 3.53 0.90 10.16
C ARG G 38 2.11 1.11 9.66
N GLN G 39 1.96 1.46 8.39
CA GLN G 39 0.67 1.84 7.86
C GLN G 39 0.29 0.97 6.67
N PHE G 40 -0.92 0.44 6.69
CA PHE G 40 -1.48 -0.30 5.57
C PHE G 40 -2.13 0.72 4.64
N VAL G 41 -1.47 0.98 3.50
CA VAL G 41 -1.91 2.04 2.62
C VAL G 41 -3.14 1.63 1.82
N GLY G 42 -3.25 0.36 1.50
CA GLY G 42 -4.29 -0.12 0.61
C GLY G 42 -3.68 -0.62 -0.69
N GLY G 43 -4.32 -1.64 -1.26
CA GLY G 43 -3.82 -2.18 -2.50
C GLY G 43 -2.55 -2.97 -2.40
N GLY G 44 -2.12 -3.31 -1.18
CA GLY G 44 -0.89 -4.04 -0.97
C GLY G 44 0.27 -3.19 -0.52
N TYR G 45 0.20 -1.87 -0.66
CA TYR G 45 1.25 -1.01 -0.17
C TYR G 45 1.29 -1.02 1.35
N VAL G 46 2.51 -1.09 1.89
CA VAL G 46 2.75 -0.95 3.32
C VAL G 46 3.92 0.00 3.51
N THR G 47 3.80 0.90 4.48
CA THR G 47 4.82 1.91 4.73
C THR G 47 5.29 1.82 6.18
N VAL G 48 6.59 1.86 6.39
CA VAL G 48 7.20 1.90 7.71
C VAL G 48 7.97 3.20 7.84
N LEU G 49 7.91 3.80 9.02
CA LEU G 49 8.46 5.13 9.26
C LEU G 49 9.37 5.11 10.48
N VAL G 50 10.52 5.80 10.37
CA VAL G 50 11.46 5.92 11.47
C VAL G 50 11.82 7.38 11.67
N ARG G 51 12.30 7.70 12.86
CA ARG G 51 12.77 9.03 13.19
C ARG G 51 14.14 8.95 13.85
N GLY G 52 14.93 10.00 13.66
CA GLY G 52 16.22 10.07 14.30
C GLY G 52 17.05 11.21 13.73
N GLU G 53 18.33 11.19 14.05
CA GLU G 53 19.26 12.15 13.47
C GLU G 53 19.38 11.92 11.97
N THR G 54 19.67 13.00 11.25
CA THR G 54 19.62 12.97 9.79
C THR G 54 20.57 11.94 9.20
N GLY G 55 21.82 11.92 9.67
CA GLY G 55 22.77 10.93 9.16
C GLY G 55 22.39 9.52 9.54
N ALA G 56 21.90 9.35 10.77
CA ALA G 56 21.42 8.04 11.20
C ALA G 56 20.25 7.58 10.34
N VAL G 57 19.32 8.49 10.05
CA VAL G 57 18.17 8.12 9.22
C VAL G 57 18.63 7.78 7.82
N ASN G 58 19.61 8.51 7.29
CA ASN G 58 20.14 8.18 5.97
C ASN G 58 20.71 6.77 5.93
N ALA G 59 21.55 6.44 6.92
CA ALA G 59 22.12 5.11 6.97
C ALA G 59 21.05 4.04 7.13
N ALA G 60 20.07 4.29 8.00
CA ALA G 60 19.02 3.32 8.25
C ALA G 60 18.20 3.05 7.01
N VAL G 61 17.79 4.12 6.31
CA VAL G 61 16.97 3.94 5.12
C VAL G 61 17.73 3.21 4.05
N ARG G 62 19.02 3.52 3.86
CA ARG G 62 19.79 2.77 2.88
C ARG G 62 19.86 1.29 3.22
N ALA G 63 20.10 0.98 4.50
CA ALA G 63 20.16 -0.43 4.88
C ALA G 63 18.82 -1.12 4.70
N GLY G 64 17.74 -0.45 5.05
CA GLY G 64 16.42 -1.05 4.91
C GLY G 64 16.06 -1.31 3.46
N ALA G 65 16.39 -0.36 2.58
CA ALA G 65 16.14 -0.57 1.16
C ALA G 65 16.96 -1.73 0.63
N ASP G 66 18.21 -1.84 1.06
CA ASP G 66 19.02 -2.99 0.64
C ASP G 66 18.42 -4.30 1.12
N ALA G 67 17.91 -4.32 2.36
CA ALA G 67 17.44 -5.57 2.94
C ALA G 67 16.13 -6.03 2.31
N CYS G 68 15.17 -5.13 2.14
CA CYS G 68 13.85 -5.53 1.71
C CYS G 68 13.71 -5.64 0.20
N GLU G 69 14.76 -5.34 -0.55
CA GLU G 69 14.65 -5.26 -2.01
C GLU G 69 14.26 -6.59 -2.63
N ARG G 70 14.86 -7.69 -2.17
CA ARG G 70 14.62 -8.99 -2.76
C ARG G 70 13.64 -9.84 -1.96
N VAL G 71 12.94 -9.24 -1.01
CA VAL G 71 12.01 -9.96 -0.16
C VAL G 71 10.61 -9.79 -0.72
N GLY G 72 9.95 -10.90 -1.05
CA GLY G 72 8.59 -10.83 -1.51
C GLY G 72 8.47 -10.00 -2.78
N ASP G 73 7.43 -9.19 -2.85
CA ASP G 73 7.19 -8.37 -4.01
C ASP G 73 8.04 -7.09 -4.01
N GLY G 74 8.81 -6.85 -2.97
CA GLY G 74 9.93 -5.94 -3.04
C GLY G 74 9.65 -4.54 -2.53
N LEU G 75 10.52 -3.63 -2.94
CA LEU G 75 10.55 -2.25 -2.48
C LEU G 75 9.85 -1.34 -3.47
N VAL G 76 9.14 -0.34 -2.94
CA VAL G 76 8.47 0.65 -3.76
C VAL G 76 9.16 2.00 -3.65
N ALA G 77 9.45 2.46 -2.44
CA ALA G 77 9.97 3.79 -2.22
C ALA G 77 10.89 3.79 -1.01
N ALA G 78 11.87 4.68 -1.04
CA ALA G 78 12.75 4.93 0.09
C ALA G 78 13.04 6.42 0.11
N HIS G 79 12.69 7.09 1.21
CA HIS G 79 12.66 8.54 1.23
C HIS G 79 13.12 9.05 2.59
N ILE G 80 13.73 10.22 2.58
CA ILE G 80 14.16 10.89 3.81
C ILE G 80 13.71 12.35 3.75
N ILE G 81 13.12 12.82 4.83
CA ILE G 81 12.81 14.23 5.02
C ILE G 81 13.56 14.67 6.26
N ALA G 82 14.54 15.57 6.08
CA ALA G 82 15.40 15.95 7.19
C ALA G 82 14.69 16.86 8.19
N ARG G 83 13.89 17.78 7.69
CA ARG G 83 13.19 18.76 8.53
C ARG G 83 11.71 18.66 8.18
N VAL G 84 10.92 18.06 9.05
CA VAL G 84 9.51 17.87 8.77
C VAL G 84 8.75 19.13 9.17
N HIS G 85 7.95 19.66 8.26
CA HIS G 85 7.12 20.80 8.58
C HIS G 85 6.10 20.42 9.65
N SER G 86 5.78 21.38 10.51
CA SER G 86 4.91 21.10 11.65
C SER G 86 3.52 20.66 11.21
N GLU G 87 3.08 21.09 10.03
CA GLU G 87 1.78 20.64 9.52
C GLU G 87 1.80 19.14 9.24
N VAL G 88 2.89 18.64 8.67
CA VAL G 88 2.99 17.23 8.32
C VAL G 88 2.98 16.33 9.54
N GLU G 89 3.38 16.83 10.71
CA GLU G 89 3.38 16.00 11.89
C GLU G 89 1.99 15.51 12.26
N ASN G 90 0.94 16.19 11.83
CA ASN G 90 -0.41 15.77 12.16
C ASN G 90 -0.83 14.51 11.43
N ILE G 91 -0.16 14.15 10.35
CA ILE G 91 -0.45 12.91 9.63
C ILE G 91 0.63 11.87 9.87
N LEU G 92 1.55 12.11 10.77
CA LEU G 92 2.51 11.06 11.04
C LEU G 92 2.18 10.35 12.34
N PRO G 93 2.24 9.03 12.37
CA PRO G 93 2.03 8.31 13.64
C PRO G 93 3.15 8.60 14.61
N LYS G 94 2.81 8.58 15.90
CA LYS G 94 3.79 8.87 16.94
C LYS G 94 4.38 7.62 17.56
N ALA G 95 3.59 6.58 17.76
CA ALA G 95 4.08 5.32 18.28
C ALA G 95 3.60 4.18 17.39
N PRO G 96 4.41 3.12 17.25
CA PRO G 96 4.08 2.02 16.35
C PRO G 96 3.08 1.04 16.96
N GLY H 6 20.82 -22.44 27.34
CA GLY H 6 21.66 -21.89 26.31
C GLY H 6 23.13 -22.01 26.62
N ILE H 7 23.72 -23.15 26.29
CA ILE H 7 25.12 -23.42 26.56
C ILE H 7 25.90 -23.79 25.30
N ALA H 8 25.28 -23.70 24.14
CA ALA H 8 26.02 -23.90 22.91
C ALA H 8 27.04 -22.78 22.75
N LEU H 9 28.09 -23.05 22.00
CA LEU H 9 29.16 -22.10 21.79
C LEU H 9 29.41 -21.92 20.31
N GLY H 10 29.45 -20.68 19.86
CA GLY H 10 29.78 -20.34 18.48
C GLY H 10 31.04 -19.51 18.44
N MET H 11 31.94 -19.86 17.54
CA MET H 11 33.23 -19.19 17.44
C MET H 11 33.47 -18.74 16.02
N ILE H 12 34.03 -17.54 15.89
CA ILE H 12 34.48 -17.03 14.61
C ILE H 12 35.90 -16.52 14.76
N GLU H 13 36.79 -16.97 13.89
CA GLU H 13 38.18 -16.55 13.90
C GLU H 13 38.47 -15.78 12.62
N THR H 14 39.15 -14.65 12.75
CA THR H 14 39.40 -13.77 11.62
C THR H 14 40.87 -13.38 11.58
N ARG H 15 41.28 -12.83 10.44
CA ARG H 15 42.60 -12.21 10.30
C ARG H 15 42.42 -10.71 10.48
N GLY H 16 42.80 -10.21 11.65
CA GLY H 16 42.65 -8.81 11.96
C GLY H 16 41.46 -8.55 12.86
N LEU H 17 41.50 -7.39 13.52
CA LEU H 17 40.45 -7.04 14.47
C LEU H 17 39.17 -6.57 13.81
N VAL H 18 39.26 -5.88 12.67
CA VAL H 18 38.06 -5.29 12.07
C VAL H 18 37.05 -6.35 11.63
N PRO H 19 37.43 -7.41 10.90
CA PRO H 19 36.45 -8.46 10.63
C PRO H 19 35.92 -9.10 11.89
N ALA H 20 36.72 -9.18 12.95
CA ALA H 20 36.22 -9.74 14.20
C ALA H 20 35.12 -8.89 14.80
N ILE H 21 35.29 -7.57 14.79
CA ILE H 21 34.26 -6.69 15.33
C ILE H 21 33.01 -6.73 14.46
N GLU H 22 33.19 -6.76 13.14
CA GLU H 22 32.04 -6.90 12.27
C GLU H 22 31.30 -8.20 12.53
N ALA H 23 32.04 -9.29 12.70
CA ALA H 23 31.42 -10.58 12.96
C ALA H 23 30.67 -10.58 14.28
N ALA H 24 31.26 -9.98 15.32
CA ALA H 24 30.59 -9.93 16.61
C ALA H 24 29.30 -9.13 16.51
N ASP H 25 29.34 -7.98 15.85
CA ASP H 25 28.14 -7.17 15.68
C ASP H 25 27.07 -7.93 14.93
N ALA H 26 27.44 -8.56 13.81
CA ALA H 26 26.47 -9.30 13.01
C ALA H 26 25.88 -10.46 13.80
N MET H 27 26.72 -11.17 14.55
CA MET H 27 26.23 -12.31 15.32
C MET H 27 25.21 -11.86 16.36
N THR H 28 25.55 -10.83 17.13
CA THR H 28 24.63 -10.42 18.19
C THR H 28 23.37 -9.79 17.62
N LYS H 29 23.44 -9.19 16.44
CA LYS H 29 22.23 -8.64 15.85
C LYS H 29 21.36 -9.70 15.21
N ALA H 30 21.95 -10.80 14.74
CA ALA H 30 21.20 -11.76 13.95
C ALA H 30 20.38 -12.73 14.77
N ALA H 31 20.78 -13.04 16.00
CA ALA H 31 20.09 -14.08 16.75
C ALA H 31 20.29 -13.82 18.24
N GLU H 32 19.57 -14.60 19.04
CA GLU H 32 19.60 -14.46 20.50
C GLU H 32 20.82 -15.20 21.04
N VAL H 33 21.97 -14.52 20.99
CA VAL H 33 23.21 -15.03 21.56
C VAL H 33 23.82 -13.95 22.44
N ARG H 34 24.71 -14.37 23.32
CA ARG H 34 25.44 -13.48 24.20
C ARG H 34 26.91 -13.50 23.81
N LEU H 35 27.47 -12.32 23.56
CA LEU H 35 28.89 -12.19 23.27
C LEU H 35 29.67 -12.34 24.56
N VAL H 36 30.56 -13.33 24.63
CA VAL H 36 31.27 -13.63 25.87
C VAL H 36 32.72 -13.20 25.85
N GLY H 37 33.33 -12.96 24.69
CA GLY H 37 34.70 -12.50 24.70
C GLY H 37 35.27 -12.32 23.32
N ARG H 38 36.37 -11.59 23.28
CA ARG H 38 37.21 -11.42 22.10
C ARG H 38 38.63 -11.73 22.53
N GLN H 39 39.34 -12.53 21.75
CA GLN H 39 40.67 -12.98 22.12
C GLN H 39 41.66 -12.64 21.02
N PHE H 40 42.78 -12.04 21.42
CA PHE H 40 43.91 -11.81 20.52
C PHE H 40 44.80 -13.03 20.57
N VAL H 41 44.71 -13.87 19.54
CA VAL H 41 45.41 -15.15 19.54
C VAL H 41 46.91 -14.98 19.33
N GLY H 42 47.32 -14.01 18.57
CA GLY H 42 48.71 -13.86 18.19
C GLY H 42 48.89 -14.09 16.70
N GLY H 43 49.83 -13.36 16.12
CA GLY H 43 50.07 -13.49 14.70
C GLY H 43 49.02 -12.90 13.81
N GLY H 44 48.08 -12.13 14.36
CA GLY H 44 47.01 -11.55 13.60
C GLY H 44 45.66 -12.21 13.76
N TYR H 45 45.62 -13.42 14.32
CA TYR H 45 44.34 -14.08 14.55
C TYR H 45 43.56 -13.38 15.66
N VAL H 46 42.27 -13.23 15.45
CA VAL H 46 41.34 -12.74 16.47
C VAL H 46 40.12 -13.63 16.49
N THR H 47 39.66 -13.99 17.68
CA THR H 47 38.52 -14.88 17.85
C THR H 47 37.45 -14.20 18.68
N VAL H 48 36.20 -14.35 18.27
CA VAL H 48 35.05 -13.87 19.02
C VAL H 48 34.14 -15.05 19.32
N LEU H 49 33.58 -15.07 20.53
CA LEU H 49 32.84 -16.22 21.02
C LEU H 49 31.47 -15.79 21.52
N VAL H 50 30.44 -16.57 21.20
CA VAL H 50 29.08 -16.30 21.62
C VAL H 50 28.50 -17.56 22.26
N ARG H 51 27.54 -17.37 23.14
CA ARG H 51 26.84 -18.48 23.79
C ARG H 51 25.34 -18.31 23.59
N GLY H 52 24.63 -19.43 23.58
CA GLY H 52 23.19 -19.38 23.50
C GLY H 52 22.63 -20.75 23.15
N GLU H 53 21.34 -20.75 22.83
CA GLU H 53 20.67 -21.95 22.37
C GLU H 53 21.25 -22.40 21.04
N THR H 54 21.15 -23.70 20.76
CA THR H 54 21.82 -24.28 19.61
C THR H 54 21.36 -23.66 18.30
N GLY H 55 20.03 -23.55 18.11
CA GLY H 55 19.54 -22.98 16.86
C GLY H 55 19.89 -21.52 16.71
N ALA H 56 19.79 -20.76 17.80
CA ALA H 56 20.21 -19.37 17.78
C ALA H 56 21.69 -19.24 17.46
N VAL H 57 22.52 -20.11 18.04
CA VAL H 57 23.95 -20.06 17.76
C VAL H 57 24.21 -20.38 16.29
N ASN H 58 23.49 -21.35 15.75
CA ASN H 58 23.63 -21.66 14.33
C ASN H 58 23.34 -20.45 13.47
N ALA H 59 22.21 -19.79 13.73
CA ALA H 59 21.85 -18.59 12.97
C ALA H 59 22.92 -17.51 13.13
N ALA H 60 23.36 -17.28 14.35
CA ALA H 60 24.32 -16.21 14.62
C ALA H 60 25.64 -16.47 13.91
N VAL H 61 26.14 -17.69 13.99
CA VAL H 61 27.43 -17.98 13.39
C VAL H 61 27.34 -17.90 11.87
N ARG H 62 26.24 -18.37 11.30
CA ARG H 62 26.08 -18.22 9.85
C ARG H 62 26.10 -16.75 9.44
N ALA H 63 25.37 -15.92 10.19
CA ALA H 63 25.33 -14.50 9.85
C ALA H 63 26.69 -13.84 10.03
N GLY H 64 27.40 -14.16 11.10
CA GLY H 64 28.71 -13.58 11.31
C GLY H 64 29.71 -13.99 10.25
N ALA H 65 29.69 -15.26 9.86
CA ALA H 65 30.56 -15.71 8.79
C ALA H 65 30.25 -14.99 7.50
N ASP H 66 28.97 -14.80 7.19
CA ASP H 66 28.63 -14.07 5.98
C ASP H 66 29.08 -12.62 6.05
N ALA H 67 28.98 -12.01 7.22
CA ALA H 67 29.28 -10.59 7.34
C ALA H 67 30.78 -10.32 7.26
N CYS H 68 31.59 -11.15 7.90
CA CYS H 68 33.01 -10.83 8.04
C CYS H 68 33.87 -11.37 6.90
N GLU H 69 33.33 -12.18 6.00
CA GLU H 69 34.18 -12.90 5.06
C GLU H 69 34.79 -11.98 4.01
N ARG H 70 34.18 -10.81 3.76
CA ARG H 70 34.69 -9.88 2.77
C ARG H 70 35.25 -8.61 3.41
N VAL H 71 35.50 -8.63 4.71
CA VAL H 71 36.00 -7.47 5.44
C VAL H 71 37.47 -7.70 5.74
N GLY H 72 38.31 -6.80 5.26
CA GLY H 72 39.73 -6.89 5.54
C GLY H 72 40.32 -8.19 5.02
N ASP H 73 41.12 -8.84 5.86
CA ASP H 73 41.77 -10.07 5.48
C ASP H 73 40.90 -11.29 5.69
N GLY H 74 39.68 -11.11 6.17
CA GLY H 74 38.65 -12.12 6.02
C GLY H 74 38.51 -13.07 7.18
N LEU H 75 37.94 -14.22 6.87
CA LEU H 75 37.49 -15.19 7.85
C LEU H 75 38.39 -16.41 7.83
N VAL H 76 38.69 -16.93 9.01
CA VAL H 76 39.52 -18.12 9.17
C VAL H 76 38.69 -19.34 9.51
N ALA H 77 37.85 -19.25 10.54
CA ALA H 77 37.07 -20.39 10.99
C ALA H 77 35.73 -19.92 11.50
N ALA H 78 34.72 -20.77 11.33
CA ALA H 78 33.38 -20.55 11.87
C ALA H 78 32.92 -21.89 12.42
N HIS H 79 32.79 -22.00 13.73
CA HIS H 79 32.61 -23.29 14.36
C HIS H 79 31.52 -23.22 15.42
N ILE H 80 30.81 -24.33 15.60
CA ILE H 80 29.77 -24.45 16.60
C ILE H 80 30.04 -25.69 17.45
N ILE H 81 29.94 -25.53 18.77
CA ILE H 81 29.96 -26.64 19.69
C ILE H 81 28.61 -26.62 20.40
N ALA H 82 27.78 -27.64 20.13
CA ALA H 82 26.42 -27.61 20.65
C ALA H 82 26.39 -27.80 22.16
N ARG H 83 27.33 -28.53 22.72
CA ARG H 83 27.41 -28.75 24.16
C ARG H 83 28.88 -28.73 24.56
N VAL H 84 29.23 -27.85 25.49
CA VAL H 84 30.62 -27.66 25.88
C VAL H 84 30.90 -28.45 27.15
N HIS H 85 31.95 -29.24 27.13
CA HIS H 85 32.38 -29.97 28.31
C HIS H 85 32.80 -28.99 29.41
N SER H 86 32.57 -29.39 30.66
CA SER H 86 32.85 -28.50 31.78
C SER H 86 34.34 -28.16 31.88
N GLU H 87 35.22 -29.05 31.43
CA GLU H 87 36.65 -28.75 31.47
C GLU H 87 36.99 -27.58 30.56
N VAL H 88 36.38 -27.54 29.37
CA VAL H 88 36.69 -26.48 28.41
C VAL H 88 36.23 -25.12 28.90
N GLU H 89 35.24 -25.06 29.80
CA GLU H 89 34.78 -23.77 30.30
C GLU H 89 35.87 -23.00 31.02
N ASN H 90 36.92 -23.68 31.49
CA ASN H 90 37.99 -22.98 32.20
C ASN H 90 38.82 -22.12 31.26
N ILE H 91 38.89 -22.46 29.98
CA ILE H 91 39.66 -21.67 29.03
C ILE H 91 38.77 -20.76 28.19
N LEU H 92 37.50 -20.68 28.50
CA LEU H 92 36.61 -19.78 27.77
C LEU H 92 36.41 -18.50 28.56
N PRO H 93 36.48 -17.34 27.92
CA PRO H 93 36.20 -16.09 28.63
C PRO H 93 34.73 -15.97 28.99
N LYS H 94 34.46 -15.16 30.00
CA LYS H 94 33.10 -14.89 30.46
C LYS H 94 32.78 -13.41 30.34
N ALA H 95 31.55 -13.10 29.96
CA ALA H 95 31.06 -11.72 29.87
C ALA H 95 31.94 -10.86 28.97
N VAL I 4 32.29 15.78 22.10
CA VAL I 4 31.87 15.09 20.89
C VAL I 4 31.04 13.87 21.26
N THR I 5 29.75 13.91 20.95
CA THR I 5 28.85 12.80 21.20
C THR I 5 28.58 12.06 19.91
N GLY I 6 28.68 10.73 19.96
CA GLY I 6 28.46 9.96 18.76
C GLY I 6 28.37 8.47 18.98
N ILE I 7 27.45 7.83 18.26
CA ILE I 7 27.21 6.41 18.40
C ILE I 7 27.87 5.60 17.29
N ALA I 8 28.13 6.18 16.13
CA ALA I 8 28.71 5.45 15.02
C ALA I 8 30.15 5.07 15.32
N LEU I 9 30.62 4.03 14.66
CA LEU I 9 31.96 3.50 14.88
C LEU I 9 32.69 3.39 13.55
N GLY I 10 33.88 3.97 13.48
CA GLY I 10 34.69 3.86 12.29
C GLY I 10 36.00 3.17 12.57
N MET I 11 36.38 2.21 11.75
CA MET I 11 37.59 1.42 11.97
C MET I 11 38.44 1.36 10.73
N ILE I 12 39.75 1.48 10.91
CA ILE I 12 40.71 1.33 9.84
C ILE I 12 41.83 0.42 10.33
N GLU I 13 42.11 -0.63 9.58
CA GLU I 13 43.16 -1.57 9.90
C GLU I 13 44.27 -1.44 8.86
N THR I 14 45.51 -1.41 9.33
CA THR I 14 46.65 -1.20 8.48
C THR I 14 47.73 -2.23 8.79
N ARG I 15 48.65 -2.41 7.85
CA ARG I 15 49.86 -3.19 8.09
C ARG I 15 50.96 -2.24 8.56
N GLY I 16 51.28 -2.29 9.84
CA GLY I 16 52.24 -1.40 10.42
C GLY I 16 51.59 -0.19 11.06
N LEU I 17 52.41 0.58 11.77
CA LEU I 17 51.90 1.69 12.57
C LEU I 17 51.84 3.00 11.82
N VAL I 18 52.76 3.24 10.89
CA VAL I 18 52.80 4.53 10.20
C VAL I 18 51.53 4.77 9.38
N PRO I 19 51.06 3.85 8.55
CA PRO I 19 49.77 4.09 7.88
C PRO I 19 48.64 4.30 8.84
N ALA I 20 48.64 3.62 9.99
CA ALA I 20 47.59 3.83 10.98
C ALA I 20 47.61 5.25 11.53
N ILE I 21 48.80 5.77 11.82
CA ILE I 21 48.88 7.14 12.33
C ILE I 21 48.45 8.13 11.26
N GLU I 22 48.85 7.91 10.02
CA GLU I 22 48.39 8.78 8.94
C GLU I 22 46.87 8.74 8.82
N ALA I 23 46.29 7.55 8.90
CA ALA I 23 44.84 7.41 8.83
C ALA I 23 44.16 8.14 9.97
N ALA I 24 44.68 7.99 11.19
CA ALA I 24 44.07 8.67 12.33
C ALA I 24 44.13 10.18 12.17
N ASP I 25 45.27 10.69 11.70
CA ASP I 25 45.40 12.13 11.48
C ASP I 25 44.38 12.61 10.45
N ALA I 26 44.29 11.92 9.32
CA ALA I 26 43.35 12.32 8.29
C ALA I 26 41.91 12.25 8.78
N MET I 27 41.57 11.19 9.52
CA MET I 27 40.22 11.02 10.04
C MET I 27 39.86 12.16 10.96
N THR I 28 40.73 12.47 11.92
CA THR I 28 40.39 13.51 12.88
C THR I 28 40.41 14.90 12.26
N LYS I 29 41.18 15.11 11.19
CA LYS I 29 41.09 16.39 10.52
C LYS I 29 39.81 16.52 9.70
N ALA I 30 39.33 15.42 9.13
CA ALA I 30 38.23 15.49 8.18
C ALA I 30 36.91 15.86 8.85
N ALA I 31 36.61 15.26 10.00
CA ALA I 31 35.31 15.47 10.61
C ALA I 31 35.44 15.40 12.13
N GLU I 32 34.34 15.72 12.80
CA GLU I 32 34.30 15.75 14.27
C GLU I 32 34.07 14.33 14.77
N VAL I 33 35.17 13.59 14.90
CA VAL I 33 35.13 12.25 15.46
C VAL I 33 36.15 12.20 16.59
N ARG I 34 35.93 11.28 17.52
CA ARG I 34 36.83 11.05 18.64
C ARG I 34 37.67 9.82 18.35
N LEU I 35 38.97 9.92 18.57
CA LEU I 35 39.84 8.76 18.48
C LEU I 35 39.77 8.02 19.80
N VAL I 36 39.18 6.83 19.79
CA VAL I 36 38.97 6.07 21.02
C VAL I 36 39.88 4.87 21.14
N GLY I 37 40.68 4.56 20.13
CA GLY I 37 41.52 3.39 20.23
C GLY I 37 42.54 3.24 19.14
N ARG I 38 43.75 2.82 19.53
CA ARG I 38 44.78 2.35 18.61
C ARG I 38 45.25 1.01 19.15
N GLN I 39 44.93 -0.06 18.44
CA GLN I 39 45.15 -1.40 18.94
C GLN I 39 46.23 -2.10 18.13
N PHE I 40 47.24 -2.60 18.83
CA PHE I 40 48.25 -3.47 18.21
C PHE I 40 47.68 -4.88 18.23
N VAL I 41 47.17 -5.32 17.08
CA VAL I 41 46.44 -6.57 17.01
C VAL I 41 47.35 -7.78 17.14
N GLY I 42 48.56 -7.70 16.60
CA GLY I 42 49.44 -8.85 16.53
C GLY I 42 49.80 -9.15 15.10
N GLY I 43 51.01 -9.65 14.87
CA GLY I 43 51.43 -9.96 13.52
C GLY I 43 51.63 -8.76 12.62
N GLY I 44 51.64 -7.56 13.15
CA GLY I 44 51.81 -6.36 12.37
C GLY I 44 50.55 -5.57 12.11
N TYR I 45 49.37 -6.15 12.39
CA TYR I 45 48.12 -5.41 12.21
C TYR I 45 47.99 -4.32 13.25
N VAL I 46 47.55 -3.15 12.82
CA VAL I 46 47.23 -2.04 13.71
C VAL I 46 45.84 -1.53 13.35
N THR I 47 44.99 -1.36 14.35
CA THR I 47 43.63 -0.91 14.14
C THR I 47 43.42 0.42 14.84
N VAL I 48 42.79 1.36 14.14
CA VAL I 48 42.45 2.68 14.68
C VAL I 48 40.94 2.82 14.64
N LEU I 49 40.35 3.22 15.76
CA LEU I 49 38.91 3.29 15.91
C LEU I 49 38.48 4.71 16.27
N VAL I 50 37.38 5.17 15.67
CA VAL I 50 36.82 6.47 15.95
C VAL I 50 35.32 6.36 16.22
N ARG I 51 34.79 7.30 16.99
CA ARG I 51 33.37 7.38 17.27
C ARG I 51 32.86 8.78 16.97
N GLY I 52 31.60 8.87 16.56
CA GLY I 52 31.01 10.14 16.26
C GLY I 52 29.64 9.96 15.63
N GLU I 53 29.10 11.07 15.15
CA GLU I 53 27.84 11.02 14.40
C GLU I 53 28.05 10.30 13.07
N THR I 54 26.95 9.76 12.54
CA THR I 54 27.04 8.87 11.39
C THR I 54 27.67 9.56 10.19
N GLY I 55 27.19 10.75 9.83
CA GLY I 55 27.76 11.45 8.69
C GLY I 55 29.22 11.83 8.91
N ALA I 56 29.54 12.27 10.12
CA ALA I 56 30.92 12.59 10.46
C ALA I 56 31.80 11.37 10.31
N VAL I 57 31.35 10.22 10.81
CA VAL I 57 32.16 9.01 10.73
C VAL I 57 32.34 8.57 9.29
N ASN I 58 31.28 8.67 8.48
CA ASN I 58 31.43 8.35 7.06
C ASN I 58 32.51 9.20 6.41
N ALA I 59 32.45 10.51 6.62
CA ALA I 59 33.45 11.39 6.02
C ALA I 59 34.84 11.05 6.55
N ALA I 60 34.97 10.84 7.86
CA ALA I 60 36.27 10.58 8.45
C ALA I 60 36.89 9.30 7.90
N VAL I 61 36.11 8.22 7.86
CA VAL I 61 36.65 6.95 7.41
C VAL I 61 37.04 7.03 5.94
N ARG I 62 36.23 7.72 5.13
CA ARG I 62 36.62 7.91 3.74
C ARG I 62 37.96 8.63 3.64
N ALA I 63 38.13 9.70 4.42
CA ALA I 63 39.38 10.46 4.36
C ALA I 63 40.56 9.62 4.80
N GLY I 64 40.41 8.86 5.88
CA GLY I 64 41.50 8.05 6.37
C GLY I 64 41.89 6.95 5.40
N ALA I 65 40.90 6.28 4.81
CA ALA I 65 41.18 5.24 3.84
C ALA I 65 41.89 5.81 2.62
N ASP I 66 41.49 7.00 2.17
CA ASP I 66 42.20 7.62 1.06
C ASP I 66 43.64 7.96 1.45
N ALA I 67 43.84 8.45 2.67
CA ALA I 67 45.15 8.96 3.04
C ALA I 67 46.16 7.84 3.26
N CYS I 68 45.76 6.75 3.88
CA CYS I 68 46.73 5.76 4.31
C CYS I 68 46.98 4.65 3.29
N GLU I 69 46.32 4.66 2.14
CA GLU I 69 46.37 3.50 1.26
C GLU I 69 47.73 3.32 0.60
N ARG I 70 48.50 4.39 0.43
CA ARG I 70 49.81 4.31 -0.20
C ARG I 70 50.96 4.53 0.77
N VAL I 71 50.71 4.47 2.07
CA VAL I 71 51.71 4.75 3.08
C VAL I 71 52.19 3.42 3.65
N GLY I 72 53.50 3.20 3.59
CA GLY I 72 54.06 1.99 4.17
C GLY I 72 53.48 0.75 3.53
N ASP I 73 53.11 -0.21 4.37
CA ASP I 73 52.58 -1.47 3.88
C ASP I 73 51.09 -1.43 3.60
N GLY I 74 50.44 -0.30 3.83
CA GLY I 74 49.14 -0.04 3.27
C GLY I 74 47.97 -0.30 4.19
N LEU I 75 46.80 -0.36 3.58
CA LEU I 75 45.53 -0.45 4.27
C LEU I 75 44.97 -1.86 4.16
N VAL I 76 44.39 -2.35 5.25
CA VAL I 76 43.78 -3.67 5.27
C VAL I 76 42.26 -3.57 5.18
N ALA I 77 41.64 -2.73 5.98
CA ALA I 77 40.19 -2.65 6.02
C ALA I 77 39.76 -1.26 6.45
N ALA I 78 38.63 -0.82 5.91
CA ALA I 78 37.97 0.41 6.35
C ALA I 78 36.50 0.09 6.49
N HIS I 79 35.96 0.24 7.68
CA HIS I 79 34.64 -0.29 8.02
C HIS I 79 33.89 0.68 8.90
N ILE I 80 32.58 0.77 8.68
CA ILE I 80 31.71 1.64 9.45
C ILE I 80 30.53 0.84 9.97
N ILE I 81 30.23 0.99 11.26
CA ILE I 81 29.03 0.44 11.86
C ILE I 81 28.28 1.61 12.49
N ALA I 82 27.13 1.95 11.90
CA ALA I 82 26.40 3.13 12.34
C ALA I 82 25.91 3.00 13.78
N ARG I 83 25.52 1.80 14.19
CA ARG I 83 25.20 1.56 15.59
C ARG I 83 25.55 0.13 15.93
N VAL I 84 26.49 -0.06 16.82
CA VAL I 84 26.87 -1.40 17.24
C VAL I 84 25.87 -1.91 18.26
N HIS I 85 25.72 -3.23 18.32
CA HIS I 85 24.92 -3.85 19.36
C HIS I 85 25.47 -3.46 20.72
N SER I 86 24.58 -3.37 21.70
CA SER I 86 25.00 -2.92 23.02
C SER I 86 26.05 -3.83 23.64
N GLU I 87 26.05 -5.12 23.28
CA GLU I 87 27.05 -6.03 23.83
C GLU I 87 28.42 -5.85 23.19
N VAL I 88 28.47 -5.42 21.93
CA VAL I 88 29.76 -5.18 21.29
C VAL I 88 30.51 -4.05 21.96
N GLU I 89 29.81 -3.16 22.65
CA GLU I 89 30.47 -2.03 23.30
C GLU I 89 31.48 -2.49 24.34
N ASN I 90 31.34 -3.70 24.87
CA ASN I 90 32.26 -4.20 25.88
C ASN I 90 33.61 -4.59 25.31
N ILE I 91 33.71 -4.86 24.01
CA ILE I 91 34.98 -5.19 23.39
C ILE I 91 35.55 -4.00 22.60
N LEU I 92 34.99 -2.81 22.79
CA LEU I 92 35.51 -1.61 22.16
C LEU I 92 36.22 -0.75 23.18
N PRO I 93 37.41 -0.25 22.87
CA PRO I 93 38.09 0.66 23.79
C PRO I 93 37.36 1.98 23.90
N LYS I 94 37.50 2.60 25.08
CA LYS I 94 36.91 3.91 25.33
C LYS I 94 37.88 5.05 25.09
N ALA I 95 39.15 4.87 25.41
CA ALA I 95 40.19 5.86 25.19
C ALA I 95 41.45 5.17 24.73
N PRO I 96 42.30 5.84 23.97
CA PRO I 96 43.56 5.22 23.54
C PRO I 96 44.48 4.98 24.71
N GLU I 97 45.33 3.95 24.57
CA GLU I 97 46.30 3.62 25.59
C GLU I 97 47.69 3.49 24.98
N ARG J 122 -16.42 -45.68 -13.55
CA ARG J 122 -17.31 -46.80 -13.24
C ARG J 122 -18.29 -46.44 -12.15
N ILE J 123 -17.83 -45.71 -11.15
CA ILE J 123 -18.65 -45.26 -10.05
C ILE J 123 -18.93 -43.78 -10.24
N THR J 124 -20.20 -43.42 -10.36
CA THR J 124 -20.59 -42.04 -10.61
C THR J 124 -21.03 -41.38 -9.32
N GLY J 125 -21.08 -40.05 -9.35
CA GLY J 125 -21.43 -39.29 -8.18
C GLY J 125 -20.55 -38.08 -8.03
N PRO J 126 -20.60 -37.44 -6.85
CA PRO J 126 -19.83 -36.21 -6.65
C PRO J 126 -18.32 -36.42 -6.69
N GLY J 127 -17.84 -37.65 -6.53
CA GLY J 127 -16.40 -37.88 -6.55
C GLY J 127 -15.78 -37.72 -7.91
N MET J 128 -16.58 -37.74 -8.97
CA MET J 128 -16.08 -37.58 -10.33
C MET J 128 -15.99 -36.13 -10.77
N LEU J 129 -16.38 -35.19 -9.92
CA LEU J 129 -16.41 -33.78 -10.30
C LEU J 129 -15.08 -33.10 -9.99
N ALA J 130 -14.84 -32.00 -10.71
CA ALA J 130 -13.72 -31.09 -10.44
C ALA J 130 -12.38 -31.81 -10.45
N THR J 131 -12.19 -32.71 -11.42
CA THR J 131 -10.91 -33.38 -11.55
C THR J 131 -9.83 -32.37 -11.92
N GLY J 132 -8.74 -32.39 -11.17
CA GLY J 132 -7.65 -31.47 -11.45
C GLY J 132 -7.82 -30.08 -10.90
N LEU J 133 -8.88 -29.82 -10.12
CA LEU J 133 -9.07 -28.51 -9.52
C LEU J 133 -8.91 -28.49 -8.00
N ILE J 134 -8.92 -29.64 -7.35
CA ILE J 134 -8.87 -29.73 -5.89
C ILE J 134 -7.44 -29.97 -5.45
N THR J 135 -7.06 -29.34 -4.33
CA THR J 135 -5.69 -29.43 -3.86
C THR J 135 -5.53 -29.91 -2.43
N GLY J 136 -6.58 -30.34 -1.77
CA GLY J 136 -6.27 -30.87 -0.45
C GLY J 136 -6.23 -32.37 -0.35
N THR J 137 -6.50 -33.05 -1.46
CA THR J 137 -6.79 -34.48 -1.45
C THR J 137 -5.55 -35.30 -1.13
N PRO J 138 -5.73 -36.53 -0.65
CA PRO J 138 -4.57 -37.39 -0.41
C PRO J 138 -3.73 -37.63 -1.65
N GLU J 139 -4.34 -37.70 -2.83
CA GLU J 139 -3.56 -37.83 -4.06
C GLU J 139 -2.71 -36.60 -4.30
N PHE J 140 -3.25 -35.41 -4.05
CA PHE J 140 -2.47 -34.19 -4.21
C PHE J 140 -1.29 -34.17 -3.26
N ARG J 141 -1.52 -34.54 -2.01
CA ARG J 141 -0.46 -34.59 -1.02
C ARG J 141 0.43 -35.81 -1.24
N LEU K 183 27.21 19.84 -16.01
CA LEU K 183 26.30 20.23 -14.94
C LEU K 183 26.69 19.59 -13.62
N VAL K 184 26.46 20.32 -12.53
CA VAL K 184 26.76 19.80 -11.21
C VAL K 184 25.86 18.62 -10.86
N CYS K 185 24.60 18.70 -11.22
CA CYS K 185 23.64 17.63 -10.93
C CYS K 185 23.38 16.81 -12.18
N ALA K 186 23.27 15.50 -12.00
CA ALA K 186 22.95 14.63 -13.11
C ALA K 186 21.54 14.92 -13.63
N PRO K 187 21.32 14.74 -14.93
CA PRO K 187 20.01 15.07 -15.50
C PRO K 187 18.90 14.27 -14.83
N ARG K 188 17.75 14.91 -14.64
CA ARG K 188 16.65 14.28 -13.94
C ARG K 188 16.12 13.06 -14.69
N SER K 189 16.10 13.13 -16.02
CA SER K 189 15.58 12.01 -16.81
C SER K 189 16.51 10.79 -16.69
N ASP K 190 17.82 11.01 -16.77
CA ASP K 190 18.74 9.88 -16.88
C ASP K 190 18.90 9.14 -15.56
N GLN K 191 18.97 9.86 -14.45
CA GLN K 191 19.32 9.28 -13.17
C GLN K 191 18.09 9.12 -12.29
N MET K 192 17.99 7.99 -11.61
CA MET K 192 16.96 7.74 -10.61
C MET K 192 17.62 7.48 -9.27
N ASP K 193 17.22 8.20 -8.25
CA ASP K 193 17.87 8.14 -6.96
C ASP K 193 17.45 6.91 -6.17
N ARG K 194 18.42 6.27 -5.54
CA ARG K 194 18.12 5.12 -4.68
C ARG K 194 17.24 5.54 -3.51
N VAL K 195 17.60 6.64 -2.86
CA VAL K 195 16.81 7.22 -1.79
C VAL K 195 16.48 8.65 -2.20
N SER K 196 15.19 8.97 -2.24
CA SER K 196 14.77 10.29 -2.66
C SER K 196 14.79 11.25 -1.47
N GLY K 197 14.41 12.50 -1.71
CA GLY K 197 14.41 13.47 -0.64
C GLY K 197 15.83 13.92 -0.31
N GLU K 198 16.09 14.06 0.99
CA GLU K 198 17.40 14.49 1.43
C GLU K 198 18.46 13.42 1.28
N GLY K 199 18.09 12.21 0.87
CA GLY K 199 19.05 11.18 0.56
C GLY K 199 19.48 11.10 -0.89
N LYS K 200 19.09 12.06 -1.72
CA LYS K 200 19.41 12.00 -3.13
C LYS K 200 20.90 12.13 -3.37
N GLU K 201 21.36 11.53 -4.47
CA GLU K 201 22.77 11.60 -4.83
C GLU K 201 23.00 12.11 -6.24
N ARG K 202 21.98 12.67 -6.89
CA ARG K 202 22.14 13.14 -8.27
C ARG K 202 23.04 14.35 -8.35
N CYS K 203 23.09 15.17 -7.30
CA CYS K 203 23.92 16.37 -7.30
C CYS K 203 25.27 16.05 -6.67
N HIS K 204 26.34 16.41 -7.38
CA HIS K 204 27.69 16.07 -6.96
C HIS K 204 28.15 17.05 -5.88
N ILE K 205 28.23 16.57 -4.64
CA ILE K 205 28.68 17.36 -3.51
C ILE K 205 30.15 17.05 -3.28
N THR K 206 30.99 18.08 -3.29
CA THR K 206 32.39 17.89 -2.99
C THR K 206 32.65 18.14 -1.51
N GLY K 207 33.84 17.76 -1.06
CA GLY K 207 34.20 17.94 0.33
C GLY K 207 33.85 16.74 1.18
N ASP K 208 33.59 16.99 2.47
CA ASP K 208 33.40 15.92 3.44
C ASP K 208 31.92 15.58 3.63
N ASP K 209 31.29 15.12 2.56
CA ASP K 209 29.90 14.70 2.64
C ASP K 209 29.83 13.28 3.21
N TRP K 210 28.62 12.75 3.33
CA TRP K 210 28.40 11.51 4.07
C TRP K 210 28.40 10.27 3.19
N SER K 211 28.81 10.39 1.93
CA SER K 211 28.82 9.24 1.05
C SER K 211 29.97 8.31 1.40
N VAL K 212 29.91 7.09 0.86
CA VAL K 212 30.92 6.06 1.11
C VAL K 212 31.41 5.54 -0.24
N ASN K 213 32.72 5.41 -0.37
CA ASN K 213 33.33 4.94 -1.61
C ASN K 213 33.47 3.42 -1.61
N LYS K 214 34.25 2.89 -2.55
CA LYS K 214 34.37 1.44 -2.71
C LYS K 214 35.18 0.79 -1.60
N HIS K 215 36.17 1.51 -1.04
CA HIS K 215 37.02 0.93 -0.01
C HIS K 215 36.23 0.55 1.24
N ILE K 216 35.17 1.27 1.53
CA ILE K 216 34.48 1.14 2.80
C ILE K 216 33.50 -0.03 2.74
N THR K 217 33.36 -0.72 3.86
CA THR K 217 32.43 -1.83 3.99
C THR K 217 31.55 -1.61 5.20
N GLY K 218 30.38 -2.23 5.17
CA GLY K 218 29.50 -2.29 6.33
C GLY K 218 28.31 -1.36 6.20
N THR K 219 27.32 -1.62 7.07
CA THR K 219 26.12 -0.81 7.29
C THR K 219 25.13 -0.83 6.13
N ALA K 220 25.48 -1.47 5.03
CA ALA K 220 24.57 -1.55 3.88
C ALA K 220 25.01 -2.70 3.00
N GLY K 221 24.31 -2.86 1.88
CA GLY K 221 24.64 -3.94 0.96
C GLY K 221 24.47 -5.29 1.62
N GLN K 222 25.49 -6.14 1.50
CA GLN K 222 25.41 -7.48 2.06
C GLN K 222 25.36 -7.47 3.58
N TRP K 223 25.73 -6.36 4.23
CA TRP K 223 25.70 -6.30 5.68
C TRP K 223 24.32 -5.97 6.22
N ALA K 224 23.33 -5.77 5.35
CA ALA K 224 21.94 -5.61 5.74
C ALA K 224 21.04 -6.67 5.12
N SER K 225 21.30 -7.07 3.89
CA SER K 225 20.43 -8.00 3.18
C SER K 225 20.80 -9.47 3.40
N GLY K 226 21.92 -9.74 4.05
CA GLY K 226 22.37 -11.11 4.26
C GLY K 226 22.14 -11.67 5.65
N ARG K 227 21.31 -11.02 6.47
CA ARG K 227 21.12 -11.46 7.84
C ARG K 227 19.96 -12.43 8.00
N ASN K 228 18.83 -12.16 7.35
CA ASN K 228 17.61 -12.93 7.57
C ASN K 228 17.30 -13.80 6.37
N PRO K 229 17.21 -15.11 6.53
CA PRO K 229 16.91 -15.97 5.38
C PRO K 229 15.54 -15.69 4.80
N SER K 230 15.42 -15.83 3.47
CA SER K 230 14.19 -15.53 2.78
C SER K 230 14.07 -16.41 1.54
N MET K 231 12.85 -16.81 1.24
CA MET K 231 12.52 -17.53 0.02
C MET K 231 11.50 -16.73 -0.78
N ARG K 232 11.69 -16.67 -2.09
CA ARG K 232 10.77 -15.96 -2.98
C ARG K 232 9.79 -16.94 -3.62
N GLY K 233 8.51 -16.58 -3.59
CA GLY K 233 7.49 -17.40 -4.19
C GLY K 233 7.25 -17.07 -5.65
N ASN K 234 6.34 -17.82 -6.25
CA ASN K 234 6.00 -17.63 -7.65
C ASN K 234 4.49 -17.42 -7.82
N GLU K 239 -3.71 -8.02 -11.14
CA GLU K 239 -4.18 -7.01 -10.21
C GLU K 239 -5.59 -6.53 -10.56
N THR K 240 -6.45 -6.46 -9.55
CA THR K 240 -7.83 -6.00 -9.70
C THR K 240 -7.95 -4.63 -9.04
N SER K 241 -8.07 -3.59 -9.86
CA SER K 241 -8.12 -2.23 -9.34
C SER K 241 -8.75 -1.33 -10.39
N ALA K 242 -9.09 -0.11 -9.97
CA ALA K 242 -9.66 0.86 -10.89
C ALA K 242 -8.68 1.21 -11.98
N PHE K 243 -7.40 1.36 -11.64
CA PHE K 243 -6.40 1.69 -12.65
C PHE K 243 -6.18 0.54 -13.61
N ALA K 244 -6.11 -0.69 -13.09
CA ALA K 244 -5.89 -1.85 -13.95
C ALA K 244 -7.03 -2.07 -14.92
N ASN K 245 -8.23 -1.59 -14.58
CA ASN K 245 -9.40 -1.78 -15.42
C ASN K 245 -9.58 -0.66 -16.44
N ARG K 246 -8.63 0.26 -16.55
CA ARG K 246 -8.81 1.42 -17.40
C ARG K 246 -8.89 1.05 -18.88
N ASN K 247 -8.48 -0.16 -19.25
CA ASN K 247 -8.55 -0.61 -20.63
C ASN K 247 -9.40 -1.86 -20.78
N VAL K 248 -10.34 -2.09 -19.87
CA VAL K 248 -11.17 -3.29 -19.94
C VAL K 248 -12.05 -3.22 -21.19
N PRO K 249 -12.25 -4.32 -21.90
CA PRO K 249 -13.10 -4.28 -23.10
C PRO K 249 -14.52 -3.83 -22.75
N LYS K 250 -15.09 -3.01 -23.62
CA LYS K 250 -16.40 -2.43 -23.40
C LYS K 250 -17.27 -2.65 -24.62
N PRO K 251 -18.59 -2.69 -24.44
CA PRO K 251 -19.50 -2.73 -25.58
C PRO K 251 -19.43 -1.41 -26.35
N GLU K 252 -19.99 -1.45 -27.56
CA GLU K 252 -19.96 -0.27 -28.41
C GLU K 252 -20.72 0.88 -27.77
N LYS K 253 -20.18 2.07 -27.93
CA LYS K 253 -20.76 3.26 -27.31
C LYS K 253 -22.17 3.51 -27.87
N PRO K 254 -23.15 3.80 -27.03
CA PRO K 254 -24.50 4.05 -27.54
C PRO K 254 -24.55 5.33 -28.37
N GLY K 255 -25.39 5.31 -29.38
CA GLY K 255 -25.64 6.49 -30.19
C GLY K 255 -26.94 7.16 -29.77
N SER K 256 -27.21 8.31 -30.38
CA SER K 256 -28.42 9.06 -30.12
C SER K 256 -29.10 9.38 -31.44
N LYS K 257 -30.38 9.07 -31.55
CA LYS K 257 -31.13 9.29 -32.78
C LYS K 257 -32.26 10.30 -32.60
N ILE K 258 -32.34 10.96 -31.45
CA ILE K 258 -33.46 11.84 -31.18
C ILE K 258 -33.28 13.16 -31.92
N THR K 259 -34.38 13.77 -32.30
CA THR K 259 -34.39 15.07 -32.95
C THR K 259 -35.10 16.08 -32.07
N GLY K 260 -35.04 17.34 -32.47
CA GLY K 260 -35.52 18.40 -31.61
C GLY K 260 -34.42 18.89 -30.67
N SER K 261 -34.47 20.17 -30.36
CA SER K 261 -33.41 20.77 -29.56
C SER K 261 -33.45 20.22 -28.15
N SER K 262 -32.40 19.47 -27.77
CA SER K 262 -32.35 18.85 -26.46
C SER K 262 -30.95 18.84 -25.88
N GLY K 263 -30.09 19.77 -26.32
CA GLY K 263 -28.71 19.75 -25.91
C GLY K 263 -27.98 18.48 -26.32
N ASN K 264 -28.27 17.99 -27.53
CA ASN K 264 -27.79 16.67 -27.96
C ASN K 264 -26.36 16.75 -28.48
N ASP K 265 -25.45 17.06 -27.58
CA ASP K 265 -24.04 17.08 -27.93
C ASP K 265 -23.52 15.66 -28.11
N THR K 266 -22.66 15.47 -29.11
CA THR K 266 -22.04 14.17 -29.35
C THR K 266 -20.53 14.21 -29.25
N GLN K 267 -19.94 15.36 -28.94
CA GLN K 267 -18.49 15.49 -28.89
C GLN K 267 -17.90 15.34 -27.50
N GLY K 268 -18.68 15.58 -26.46
CA GLY K 268 -18.17 15.61 -25.11
C GLY K 268 -18.04 14.22 -24.51
N SER K 269 -18.02 14.20 -23.18
CA SER K 269 -17.93 12.95 -22.45
C SER K 269 -19.19 12.13 -22.65
N LEU K 270 -19.06 10.82 -22.45
CA LEU K 270 -20.19 9.92 -22.59
C LEU K 270 -21.05 9.98 -21.33
N ILE K 271 -22.28 10.44 -21.49
CA ILE K 271 -23.29 10.41 -20.44
C ILE K 271 -24.29 9.33 -20.80
N THR K 272 -24.72 8.57 -19.80
CA THR K 272 -25.71 7.52 -20.02
C THR K 272 -26.95 7.79 -19.18
N TYR K 273 -28.09 7.37 -19.71
CA TYR K 273 -29.37 7.42 -19.03
C TYR K 273 -29.81 6.00 -18.70
N SER K 274 -31.01 5.89 -18.14
CA SER K 274 -31.55 4.60 -17.73
C SER K 274 -31.56 3.63 -18.91
N GLY K 275 -31.08 2.42 -18.66
CA GLY K 275 -30.94 1.42 -19.69
C GLY K 275 -29.69 1.54 -20.52
N GLY K 276 -28.80 2.48 -20.21
CA GLY K 276 -27.62 2.71 -21.00
C GLY K 276 -27.80 3.63 -22.19
N ALA K 277 -28.93 4.31 -22.30
CA ALA K 277 -29.16 5.22 -23.41
C ALA K 277 -28.22 6.42 -23.35
N ARG K 278 -27.90 6.95 -24.52
CA ARG K 278 -26.98 8.07 -24.61
C ARG K 278 -27.62 9.35 -24.11
N GLY K 279 -26.93 10.06 -23.23
CA GLY K 279 -27.44 11.30 -22.69
C GLY K 279 -26.66 12.52 -23.16
#